data_9M34
#
_entry.id   9M34
#
_cell.length_a   1.00
_cell.length_b   1.00
_cell.length_c   1.00
_cell.angle_alpha   90.00
_cell.angle_beta   90.00
_cell.angle_gamma   90.00
#
_symmetry.space_group_name_H-M   'P 1'
#
loop_
_entity.id
_entity.type
_entity.pdbx_description
1 polymer DjCas13d
2 polymer 'RNA (51-MER)'
3 polymer 'RNA (34-MER)'
4 non-polymer 'MAGNESIUM ION'
#
loop_
_entity_poly.entity_id
_entity_poly.type
_entity_poly.pdbx_seq_one_letter_code
_entity_poly.pdbx_strand_id
1 'polypeptide(L)'
;MKKQKSKKTVSKTSGLKEALSVQGTVIMTSFGKGNMANLSYKIPSSQKPQNLNSSAGLKNVEVSGKKIKFQGRHPKIATT
DNPLFKPQPGMDLLCLKDKLEMHYFGKTFDDNIHIQLIYQILDIEKILAVHVNNIVFTLDNVLHPQKEELTEDFIGAGGW
RINLDYQTLRGQTNKYDRFKNYIKRKELLYFGEAFYHENERRYEEDIFAILTLLSALAQFCFASDLSSDESDHVNSFWLY
QLEDQLSDEFKETLSILWEEVTERIDSEFLKTNTVNLHILCHVFPKESKETIVRAYYEFLIKKSFKNMGFSIKKLREIML
EQSDLKSFKEDKYNSVRAKLYKLFDFIITYYYDHHAFEKEALVSSLRSSLTEENKEEIYIKTARTLASALGADFKKAAAD
VNAKNIRDYQKKANDYRISFEDIKIGNTGIGYFSELIYMLTLLLDGKEINDLLTTLINKFDNIISFIDILKKLNLEFKFK
PEYADFFNMTNCRYTLEELRVINSIARMQKPSADARKIMYRDALRILGMDNRPDEEIDRELERTMPVGADGKFIKGKQGF
RNFIASNVIESSRFHYLVRYNNPHKTRTLVKNPNVVKFVLEGIPETQIKRYFDVCKGQEIPPTSDKSAQIDVLARIISSV
DYKIFEDVPQSAKINKDDPSRNFSDALKKQRYQAIVSLYLTVMYLITKNLVYVNSRYVIAFHCLERDAFLHGVTLPKMNK
KIVYSQLTTHLLTDKNYTTYGHLKNQKGHRKWYVLVKNNLQNSDITAVSSFANIVAAISVVRNSNEYISGIGELHSYFEL
YHYLVQSMIAKNNWYDTSHQPKTAEYLNNLKKHHTYCKDFVKAYCIPFGYVVPRYKNLTINELFDRNNPNPEPKEEV
;
A
2 'polyribonucleotide' CAACCCCGUAAAAAUACGGGGUUCUGAAACGCCAACGAACAUCAUGACAGC B
3 'polyribonucleotide' UGUGGGCGCUGUCAUGAUGUUCGUUGGCUUCCUG C
#
loop_
_chem_comp.id
_chem_comp.type
_chem_comp.name
_chem_comp.formula
A RNA linking ADENOSINE-5'-MONOPHOSPHATE 'C10 H14 N5 O7 P'
C RNA linking CYTIDINE-5'-MONOPHOSPHATE 'C9 H14 N3 O8 P'
G RNA linking GUANOSINE-5'-MONOPHOSPHATE 'C10 H14 N5 O8 P'
MG non-polymer 'MAGNESIUM ION' 'Mg 2'
U RNA linking URIDINE-5'-MONOPHOSPHATE 'C9 H13 N2 O9 P'
#
# COMPACT_ATOMS: atom_id res chain seq x y z
N PRO A 89 -10.04 35.79 -2.18
CA PRO A 89 -10.56 34.98 -3.30
C PRO A 89 -9.78 33.69 -3.50
N GLY A 90 -10.29 32.60 -2.94
CA GLY A 90 -9.63 31.31 -3.07
C GLY A 90 -8.47 31.08 -2.12
N MET A 91 -8.25 31.98 -1.18
CA MET A 91 -7.13 31.83 -0.25
C MET A 91 -7.35 30.61 0.65
N ASP A 92 -6.26 29.98 1.04
CA ASP A 92 -6.31 28.80 1.90
C ASP A 92 -6.19 29.22 3.38
N LEU A 93 -6.69 28.35 4.25
CA LEU A 93 -6.62 28.61 5.69
C LEU A 93 -5.19 28.58 6.19
N LEU A 94 -4.35 27.71 5.63
CA LEU A 94 -2.96 27.58 6.07
C LEU A 94 -2.12 28.79 5.69
N CYS A 95 -2.62 29.66 4.81
CA CYS A 95 -1.91 30.87 4.38
C CYS A 95 -0.55 30.53 3.78
N LEU A 96 -0.55 29.52 2.91
CA LEU A 96 0.64 29.18 2.14
C LEU A 96 0.34 29.16 0.65
N LYS A 97 -0.79 29.73 0.25
CA LYS A 97 -1.13 29.80 -1.17
C LYS A 97 -0.06 30.54 -1.96
N ASP A 98 0.31 31.74 -1.50
CA ASP A 98 1.34 32.50 -2.21
C ASP A 98 2.66 31.78 -2.20
N LYS A 99 3.05 31.21 -1.05
CA LYS A 99 4.33 30.51 -0.96
C LYS A 99 4.35 29.29 -1.86
N LEU A 100 3.28 28.49 -1.85
CA LEU A 100 3.23 27.29 -2.68
C LEU A 100 3.23 27.66 -4.16
N GLU A 101 2.46 28.67 -4.56
CA GLU A 101 2.43 29.08 -5.96
C GLU A 101 3.78 29.60 -6.40
N MET A 102 4.48 30.34 -5.54
CA MET A 102 5.80 30.82 -5.89
C MET A 102 6.81 29.69 -5.99
N HIS A 103 6.68 28.68 -5.10
CA HIS A 103 7.60 27.55 -5.15
C HIS A 103 7.39 26.70 -6.40
N TYR A 104 6.14 26.48 -6.79
CA TYR A 104 5.85 25.57 -7.89
C TYR A 104 5.75 26.27 -9.24
N PHE A 105 5.12 27.45 -9.29
CA PHE A 105 4.95 28.16 -10.54
C PHE A 105 5.92 29.33 -10.67
N GLY A 106 5.99 30.18 -9.66
CA GLY A 106 6.94 31.29 -9.68
C GLY A 106 6.33 32.63 -9.37
N LYS A 107 4.99 32.71 -9.41
CA LYS A 107 4.29 33.94 -9.15
C LYS A 107 2.91 33.59 -8.58
N THR A 108 2.21 34.60 -8.06
CA THR A 108 0.94 34.40 -7.38
C THR A 108 -0.21 34.58 -8.36
N PHE A 109 -1.21 33.70 -8.26
CA PHE A 109 -2.35 33.71 -9.16
C PHE A 109 -3.63 33.95 -8.35
N ASP A 110 -4.53 34.73 -8.90
CA ASP A 110 -5.78 35.10 -8.24
C ASP A 110 -6.92 34.19 -8.69
N ASP A 111 -6.74 32.89 -8.46
CA ASP A 111 -7.75 31.91 -8.81
C ASP A 111 -7.55 30.68 -7.93
N ASN A 112 -8.49 29.74 -8.02
CA ASN A 112 -8.59 28.62 -7.11
C ASN A 112 -8.44 27.28 -7.83
N ILE A 113 -7.57 27.22 -8.84
CA ILE A 113 -7.36 25.97 -9.57
C ILE A 113 -5.92 25.51 -9.44
N HIS A 114 -4.99 26.46 -9.27
CA HIS A 114 -3.60 26.06 -9.15
C HIS A 114 -3.33 25.26 -7.89
N ILE A 115 -3.76 25.74 -6.73
CA ILE A 115 -3.54 25.00 -5.48
C ILE A 115 -4.31 23.69 -5.51
N GLN A 116 -5.47 23.70 -6.16
CA GLN A 116 -6.24 22.47 -6.41
C GLN A 116 -5.38 21.42 -7.09
N LEU A 117 -4.54 21.83 -8.04
CA LEU A 117 -3.64 20.89 -8.69
C LEU A 117 -2.45 20.54 -7.79
N ILE A 118 -1.93 21.53 -7.07
CA ILE A 118 -0.71 21.33 -6.30
C ILE A 118 -0.92 20.34 -5.16
N TYR A 119 -2.13 20.25 -4.61
CA TYR A 119 -2.35 19.30 -3.52
C TYR A 119 -2.11 17.85 -3.94
N GLN A 120 -2.34 17.50 -5.21
CA GLN A 120 -2.04 16.13 -5.63
C GLN A 120 -0.55 15.86 -5.66
N ILE A 121 0.23 16.83 -6.15
CA ILE A 121 1.68 16.72 -6.11
C ILE A 121 2.15 16.54 -4.67
N LEU A 122 1.53 17.28 -3.75
CA LEU A 122 1.91 17.13 -2.35
C LEU A 122 1.43 15.81 -1.76
N ASP A 123 0.37 15.23 -2.34
CA ASP A 123 -0.14 13.96 -1.83
C ASP A 123 0.75 12.78 -2.22
N ILE A 124 1.38 12.86 -3.39
CA ILE A 124 2.21 11.73 -3.85
C ILE A 124 3.32 11.42 -2.84
N GLU A 125 4.06 12.45 -2.42
CA GLU A 125 5.21 12.25 -1.57
C GLU A 125 4.83 11.63 -0.23
N LYS A 126 3.63 11.90 0.27
CA LYS A 126 3.23 11.36 1.57
C LYS A 126 3.19 9.84 1.55
N ILE A 127 2.47 9.26 0.58
CA ILE A 127 2.38 7.80 0.53
C ILE A 127 3.72 7.21 0.16
N LEU A 128 4.49 7.89 -0.71
CA LEU A 128 5.81 7.37 -1.03
C LEU A 128 6.69 7.27 0.21
N ALA A 129 6.66 8.31 1.05
CA ALA A 129 7.44 8.31 2.28
C ALA A 129 6.98 7.22 3.23
N VAL A 130 5.66 7.04 3.36
CA VAL A 130 5.15 6.01 4.27
C VAL A 130 5.68 4.63 3.85
N HIS A 131 5.55 4.30 2.57
CA HIS A 131 5.95 2.96 2.15
C HIS A 131 7.47 2.78 2.18
N VAL A 132 8.24 3.83 1.89
CA VAL A 132 9.68 3.72 1.97
C VAL A 132 10.13 3.50 3.42
N ASN A 133 9.50 4.21 4.36
CA ASN A 133 9.82 4.00 5.77
C ASN A 133 9.51 2.58 6.21
N ASN A 134 8.36 2.04 5.76
CA ASN A 134 8.03 0.66 6.10
C ASN A 134 9.07 -0.31 5.54
N ILE A 135 9.50 -0.09 4.30
CA ILE A 135 10.51 -0.97 3.70
C ILE A 135 11.83 -0.91 4.47
N VAL A 136 12.24 0.30 4.85
CA VAL A 136 13.50 0.45 5.59
C VAL A 136 13.42 -0.27 6.92
N PHE A 137 12.28 -0.14 7.62
CA PHE A 137 12.13 -0.85 8.89
C PHE A 137 12.17 -2.36 8.68
N THR A 138 11.55 -2.85 7.61
CA THR A 138 11.59 -4.28 7.33
C THR A 138 13.03 -4.76 7.11
N LEU A 139 13.79 -4.01 6.32
CA LEU A 139 15.18 -4.37 6.06
C LEU A 139 15.98 -4.40 7.36
N ASP A 140 15.77 -3.40 8.23
CA ASP A 140 16.47 -3.38 9.50
C ASP A 140 16.05 -4.53 10.41
N ASN A 141 14.78 -4.90 10.41
CA ASN A 141 14.30 -5.94 11.31
C ASN A 141 14.80 -7.32 10.91
N VAL A 142 14.68 -7.65 9.61
CA VAL A 142 15.06 -9.00 9.19
C VAL A 142 16.57 -9.19 9.29
N LEU A 143 17.35 -8.15 8.98
CA LEU A 143 18.80 -8.22 8.96
C LEU A 143 19.33 -7.39 10.12
N HIS A 144 19.69 -8.05 11.21
CA HIS A 144 20.23 -7.33 12.35
C HIS A 144 21.54 -6.65 11.98
N PRO A 145 21.78 -5.41 12.44
CA PRO A 145 23.00 -4.65 12.12
C PRO A 145 24.26 -5.34 12.62
N LEU A 164 32.47 7.94 -4.64
CA LEU A 164 32.35 7.92 -6.09
C LEU A 164 31.52 6.73 -6.56
N ASP A 165 32.00 6.04 -7.58
CA ASP A 165 31.32 4.89 -8.16
C ASP A 165 31.80 3.63 -7.45
N TYR A 166 31.55 2.41 -7.97
CA TYR A 166 31.89 1.19 -7.24
C TYR A 166 33.39 1.05 -7.03
N GLN A 167 34.22 1.77 -7.79
CA GLN A 167 35.67 1.69 -7.62
C GLN A 167 36.10 2.15 -6.24
N THR A 168 35.49 3.22 -5.74
CA THR A 168 35.82 3.75 -4.42
C THR A 168 35.48 2.78 -3.30
N LEU A 169 34.47 1.93 -3.50
CA LEU A 169 34.03 1.01 -2.44
C LEU A 169 35.16 0.09 -2.00
N ARG A 170 35.91 -0.46 -2.96
CA ARG A 170 37.00 -1.36 -2.61
C ARG A 170 38.15 -0.63 -1.93
N GLY A 171 38.36 0.64 -2.29
CA GLY A 171 39.49 1.37 -1.74
C GLY A 171 39.29 1.78 -0.29
N GLN A 172 38.03 1.84 0.15
CA GLN A 172 37.75 2.25 1.53
C GLN A 172 38.34 1.27 2.54
N THR A 173 38.19 -0.03 2.30
CA THR A 173 38.69 -1.15 3.09
C THR A 173 37.88 -1.26 4.40
N ASN A 174 37.04 -0.29 4.71
CA ASN A 174 36.16 -0.34 5.89
C ASN A 174 34.70 -0.45 5.50
N LYS A 175 34.22 0.44 4.62
CA LYS A 175 32.88 0.28 4.07
C LYS A 175 32.79 -0.98 3.21
N TYR A 176 33.91 -1.39 2.63
CA TYR A 176 33.95 -2.64 1.89
C TYR A 176 33.66 -3.82 2.80
N ASP A 177 34.23 -3.81 4.01
CA ASP A 177 33.95 -4.88 4.97
C ASP A 177 32.49 -4.89 5.38
N ARG A 178 31.90 -3.71 5.57
CA ARG A 178 30.47 -3.64 5.90
C ARG A 178 29.64 -4.20 4.75
N PHE A 179 29.97 -3.83 3.52
CA PHE A 179 29.21 -4.31 2.37
C PHE A 179 29.34 -5.81 2.19
N LYS A 180 30.55 -6.36 2.37
CA LYS A 180 30.77 -7.78 2.12
C LYS A 180 29.94 -8.65 3.04
N ASN A 181 29.86 -8.30 4.32
CA ASN A 181 29.10 -9.06 5.29
C ASN A 181 27.61 -8.73 5.26
N TYR A 182 27.25 -7.48 4.93
CA TYR A 182 25.84 -7.10 4.91
C TYR A 182 25.12 -7.77 3.76
N ILE A 183 25.79 -7.93 2.62
CA ILE A 183 25.18 -8.57 1.45
C ILE A 183 25.19 -10.08 1.55
N LYS A 184 26.14 -10.67 2.26
CA LYS A 184 26.29 -12.11 2.35
C LYS A 184 25.34 -12.75 3.36
N ARG A 185 24.75 -11.96 4.24
CA ARG A 185 23.81 -12.49 5.22
C ARG A 185 22.70 -13.24 4.52
N LYS A 186 22.46 -14.49 4.95
CA LYS A 186 21.66 -15.42 4.18
C LYS A 186 20.16 -15.14 4.30
N GLU A 187 19.76 -14.31 5.25
CA GLU A 187 18.37 -13.92 5.37
C GLU A 187 17.94 -12.89 4.34
N LEU A 188 18.75 -12.66 3.31
CA LEU A 188 18.27 -11.94 2.13
C LEU A 188 17.28 -12.78 1.35
N LEU A 189 17.17 -14.08 1.67
CA LEU A 189 16.24 -14.96 0.98
C LEU A 189 14.79 -14.67 1.33
N TYR A 190 14.54 -13.94 2.43
CA TYR A 190 13.17 -13.65 2.83
C TYR A 190 12.47 -12.71 1.87
N PHE A 191 13.21 -11.85 1.16
CA PHE A 191 12.67 -11.04 0.09
C PHE A 191 12.79 -11.81 -1.21
N GLY A 192 11.68 -11.96 -1.92
CA GLY A 192 11.60 -12.89 -3.04
C GLY A 192 12.55 -12.62 -4.19
N GLU A 193 12.31 -11.53 -4.93
CA GLU A 193 13.09 -11.23 -6.11
C GLU A 193 13.98 -10.01 -5.92
N ALA A 194 14.14 -9.55 -4.68
CA ALA A 194 14.96 -8.38 -4.43
C ALA A 194 16.42 -8.64 -4.76
N PHE A 195 16.93 -9.83 -4.41
CA PHE A 195 18.33 -10.14 -4.58
C PHE A 195 18.61 -11.52 -5.16
N TYR A 196 17.59 -12.34 -5.39
CA TYR A 196 17.77 -13.67 -5.94
C TYR A 196 16.99 -13.80 -7.24
N HIS A 197 17.65 -14.30 -8.27
CA HIS A 197 17.04 -14.47 -9.59
C HIS A 197 17.33 -15.88 -10.09
N GLU A 198 16.27 -16.62 -10.41
CA GLU A 198 16.37 -18.01 -10.88
C GLU A 198 17.21 -18.85 -9.92
N ASN A 199 16.88 -18.77 -8.63
CA ASN A 199 17.57 -19.53 -7.58
C ASN A 199 19.06 -19.22 -7.55
N GLU A 200 19.43 -18.01 -7.97
CA GLU A 200 20.82 -17.60 -7.96
C GLU A 200 20.92 -16.18 -7.44
N ARG A 201 22.00 -15.88 -6.73
CA ARG A 201 22.22 -14.54 -6.19
C ARG A 201 22.49 -13.55 -7.31
N ARG A 202 22.01 -12.33 -7.14
CA ARG A 202 22.37 -11.25 -8.05
C ARG A 202 23.79 -10.77 -7.75
N TYR A 203 24.33 -9.99 -8.68
CA TYR A 203 25.68 -9.47 -8.51
C TYR A 203 25.73 -8.46 -7.37
N GLU A 204 26.94 -8.22 -6.87
CA GLU A 204 27.11 -7.23 -5.80
C GLU A 204 26.75 -5.83 -6.26
N GLU A 205 27.07 -5.49 -7.52
CA GLU A 205 26.78 -4.16 -8.03
C GLU A 205 25.29 -3.88 -8.05
N ASP A 206 24.48 -4.86 -8.47
CA ASP A 206 23.03 -4.66 -8.53
C ASP A 206 22.45 -4.46 -7.14
N ILE A 207 22.88 -5.26 -6.16
CA ILE A 207 22.36 -5.13 -4.81
C ILE A 207 22.78 -3.81 -4.19
N PHE A 208 24.03 -3.40 -4.45
CA PHE A 208 24.47 -2.09 -4.00
C PHE A 208 23.63 -0.99 -4.62
N ALA A 209 23.30 -1.13 -5.91
CA ALA A 209 22.48 -0.13 -6.59
C ALA A 209 21.09 -0.05 -5.95
N ILE A 210 20.48 -1.20 -5.67
CA ILE A 210 19.15 -1.20 -5.08
C ILE A 210 19.17 -0.55 -3.71
N LEU A 211 20.15 -0.93 -2.87
CA LEU A 211 20.23 -0.34 -1.54
C LEU A 211 20.49 1.16 -1.60
N THR A 212 21.37 1.60 -2.50
CA THR A 212 21.68 3.01 -2.61
C THR A 212 20.47 3.81 -3.09
N LEU A 213 19.72 3.27 -4.05
CA LEU A 213 18.52 3.97 -4.51
C LEU A 213 17.47 4.04 -3.41
N LEU A 214 17.34 2.98 -2.62
CA LEU A 214 16.40 3.02 -1.49
C LEU A 214 16.80 4.07 -0.48
N SER A 215 18.10 4.15 -0.16
CA SER A 215 18.58 5.16 0.77
C SER A 215 18.34 6.57 0.24
N ALA A 216 18.60 6.78 -1.06
CA ALA A 216 18.39 8.09 -1.66
C ALA A 216 16.91 8.48 -1.63
N LEU A 217 16.03 7.53 -1.95
CA LEU A 217 14.60 7.83 -1.92
C LEU A 217 14.13 8.14 -0.51
N ALA A 218 14.63 7.40 0.48
CA ALA A 218 14.28 7.67 1.87
C ALA A 218 14.75 9.06 2.28
N GLN A 219 15.98 9.42 1.91
CA GLN A 219 16.49 10.75 2.25
C GLN A 219 15.67 11.84 1.56
N PHE A 220 15.25 11.61 0.32
CA PHE A 220 14.45 12.59 -0.39
C PHE A 220 13.10 12.80 0.29
N CYS A 221 12.41 11.70 0.60
CA CYS A 221 11.06 11.82 1.15
C CYS A 221 11.06 12.45 2.54
N PHE A 222 12.05 12.12 3.37
CA PHE A 222 12.12 12.64 4.74
C PHE A 222 12.77 14.02 4.72
N ALA A 223 12.06 14.97 4.11
CA ALA A 223 12.54 16.34 4.01
C ALA A 223 11.38 17.32 3.98
N HIS A 233 24.20 14.42 0.33
CA HIS A 233 22.87 15.00 0.26
C HIS A 233 22.31 14.97 -1.15
N VAL A 234 21.00 14.78 -1.27
CA VAL A 234 20.30 14.79 -2.55
C VAL A 234 19.46 16.05 -2.63
N ASN A 235 19.31 16.58 -3.83
CA ASN A 235 18.58 17.82 -4.02
C ASN A 235 17.09 17.58 -3.81
N SER A 236 16.37 18.68 -3.55
CA SER A 236 14.92 18.60 -3.38
C SER A 236 14.20 18.25 -4.67
N PHE A 237 14.90 18.27 -5.81
CA PHE A 237 14.32 17.95 -7.10
C PHE A 237 14.76 16.57 -7.59
N TRP A 238 15.21 15.70 -6.68
CA TRP A 238 15.82 14.43 -7.09
C TRP A 238 14.83 13.57 -7.87
N LEU A 239 13.65 13.33 -7.30
CA LEU A 239 12.69 12.43 -7.93
C LEU A 239 12.17 12.96 -9.25
N TYR A 240 12.15 14.27 -9.43
CA TYR A 240 11.60 14.86 -10.64
C TYR A 240 12.64 15.04 -11.74
N GLN A 241 13.91 14.76 -11.47
CA GLN A 241 14.98 14.82 -12.46
C GLN A 241 15.85 13.57 -12.28
N LEU A 242 15.53 12.50 -12.99
CA LEU A 242 16.35 11.30 -12.96
C LEU A 242 17.24 11.15 -14.19
N GLU A 243 16.89 11.81 -15.30
CA GLU A 243 17.71 11.71 -16.49
C GLU A 243 19.09 12.34 -16.27
N ASP A 244 19.15 13.42 -15.50
CA ASP A 244 20.37 14.20 -15.36
C ASP A 244 20.98 14.13 -13.96
N GLN A 245 20.56 13.17 -13.14
CA GLN A 245 21.15 13.04 -11.82
C GLN A 245 21.63 11.62 -11.53
N LEU A 246 20.91 10.63 -12.02
CA LEU A 246 21.29 9.24 -11.77
C LEU A 246 22.60 8.91 -12.49
N SER A 247 23.44 8.15 -11.81
CA SER A 247 24.70 7.73 -12.41
C SER A 247 24.45 6.64 -13.44
N ASP A 248 25.52 6.24 -14.14
CA ASP A 248 25.37 5.28 -15.23
C ASP A 248 25.15 3.87 -14.70
N GLU A 249 25.67 3.57 -13.51
CA GLU A 249 25.63 2.19 -13.02
C GLU A 249 24.22 1.78 -12.60
N PHE A 250 23.53 2.67 -11.87
CA PHE A 250 22.19 2.33 -11.38
C PHE A 250 21.21 2.16 -12.55
N LYS A 251 21.35 2.97 -13.59
CA LYS A 251 20.48 2.87 -14.75
C LYS A 251 20.55 1.49 -15.36
N GLU A 252 21.74 0.89 -15.38
CA GLU A 252 21.89 -0.46 -15.92
C GLU A 252 21.08 -1.47 -15.10
N THR A 253 21.14 -1.35 -13.78
CA THR A 253 20.40 -2.28 -12.92
C THR A 253 18.90 -2.13 -13.12
N LEU A 254 18.41 -0.89 -13.19
CA LEU A 254 16.99 -0.67 -13.46
C LEU A 254 16.60 -1.24 -14.82
N SER A 255 17.48 -1.08 -15.82
CA SER A 255 17.20 -1.61 -17.14
C SER A 255 17.13 -3.13 -17.13
N ILE A 256 18.02 -3.78 -16.39
CA ILE A 256 18.00 -5.25 -16.33
C ILE A 256 16.72 -5.73 -15.66
N LEU A 257 16.33 -5.07 -14.56
CA LEU A 257 15.09 -5.44 -13.89
C LEU A 257 13.91 -5.29 -14.84
N TRP A 258 13.85 -4.18 -15.58
CA TRP A 258 12.73 -3.99 -16.48
C TRP A 258 12.76 -4.95 -17.65
N GLU A 259 13.96 -5.35 -18.10
CA GLU A 259 14.05 -6.36 -19.16
C GLU A 259 13.46 -7.68 -18.71
N GLU A 260 13.83 -8.11 -17.51
CA GLU A 260 13.25 -9.32 -16.94
C GLU A 260 11.73 -9.22 -16.89
N VAL A 261 11.21 -8.13 -16.32
CA VAL A 261 9.77 -8.06 -16.12
C VAL A 261 9.02 -7.89 -17.44
N THR A 262 9.66 -7.29 -18.45
CA THR A 262 8.96 -7.09 -19.72
C THR A 262 8.90 -8.40 -20.50
N GLU A 263 9.95 -9.22 -20.41
CA GLU A 263 9.84 -10.57 -20.94
C GLU A 263 8.72 -11.32 -20.23
N ARG A 264 8.65 -11.16 -18.91
CA ARG A 264 7.61 -11.85 -18.15
C ARG A 264 6.21 -11.40 -18.60
N ILE A 265 6.00 -10.09 -18.76
CA ILE A 265 4.67 -9.60 -19.10
C ILE A 265 4.30 -10.01 -20.52
N ASP A 266 5.27 -10.01 -21.43
CA ASP A 266 5.04 -10.53 -22.77
C ASP A 266 4.54 -11.97 -22.69
N SER A 267 5.17 -12.77 -21.84
CA SER A 267 4.72 -14.14 -21.66
C SER A 267 3.29 -14.21 -21.10
N GLU A 268 3.04 -13.51 -20.00
CA GLU A 268 1.80 -13.73 -19.25
C GLU A 268 0.59 -13.13 -19.96
N PHE A 269 0.78 -12.08 -20.76
CA PHE A 269 -0.37 -11.42 -21.36
C PHE A 269 -1.18 -12.38 -22.22
N LEU A 270 -0.52 -13.09 -23.14
CA LEU A 270 -1.22 -13.87 -24.14
C LEU A 270 -2.00 -15.04 -23.55
N LYS A 271 -1.69 -15.43 -22.32
CA LYS A 271 -2.30 -16.62 -21.74
C LYS A 271 -3.64 -16.32 -21.07
N THR A 272 -3.75 -15.19 -20.37
CA THR A 272 -4.91 -14.94 -19.54
C THR A 272 -6.15 -14.63 -20.38
N ASN A 273 -6.13 -13.51 -21.10
CA ASN A 273 -7.29 -13.07 -21.88
C ASN A 273 -7.14 -13.53 -23.33
N THR A 274 -7.28 -14.84 -23.51
CA THR A 274 -7.25 -15.46 -24.83
C THR A 274 -8.63 -16.03 -25.16
N VAL A 275 -9.66 -15.40 -24.60
CA VAL A 275 -11.03 -15.82 -24.85
C VAL A 275 -11.74 -14.74 -25.66
N ASN A 276 -11.53 -13.47 -25.29
CA ASN A 276 -12.06 -12.38 -26.08
C ASN A 276 -11.11 -12.03 -27.23
N LEU A 277 -9.81 -12.33 -27.06
CA LEU A 277 -8.84 -12.02 -28.09
C LEU A 277 -9.12 -12.77 -29.38
N HIS A 278 -9.57 -14.04 -29.27
CA HIS A 278 -9.92 -14.80 -30.46
C HIS A 278 -11.06 -14.13 -31.21
N ILE A 279 -12.10 -13.72 -30.49
CA ILE A 279 -13.27 -13.11 -31.14
C ILE A 279 -12.89 -11.80 -31.79
N LEU A 280 -12.10 -10.97 -31.10
CA LEU A 280 -11.73 -9.67 -31.64
C LEU A 280 -10.88 -9.81 -32.89
N CYS A 281 -9.97 -10.78 -32.90
CA CYS A 281 -9.21 -11.06 -34.12
C CYS A 281 -10.12 -11.58 -35.23
N HIS A 282 -11.10 -12.42 -34.88
CA HIS A 282 -11.99 -12.98 -35.88
C HIS A 282 -12.90 -11.92 -36.49
N VAL A 283 -13.42 -11.00 -35.68
CA VAL A 283 -14.42 -10.05 -36.17
C VAL A 283 -13.78 -9.07 -37.16
N PHE A 284 -12.46 -8.94 -37.14
CA PHE A 284 -11.79 -8.01 -38.05
C PHE A 284 -10.91 -8.78 -39.04
N PRO A 285 -11.51 -9.33 -40.11
CA PRO A 285 -10.70 -10.07 -41.10
C PRO A 285 -9.56 -9.29 -41.71
N LYS A 286 -9.82 -8.05 -42.14
CA LYS A 286 -8.81 -7.28 -42.84
C LYS A 286 -7.94 -6.48 -41.88
N GLU A 287 -7.33 -7.16 -40.91
CA GLU A 287 -6.43 -6.52 -39.98
C GLU A 287 -5.29 -7.47 -39.63
N SER A 288 -4.11 -6.90 -39.38
CA SER A 288 -2.95 -7.70 -39.03
C SER A 288 -3.14 -8.37 -37.67
N LYS A 289 -2.52 -9.54 -37.52
CA LYS A 289 -2.55 -10.22 -36.23
C LYS A 289 -1.85 -9.39 -35.17
N GLU A 290 -0.74 -8.74 -35.52
CA GLU A 290 -0.05 -7.87 -34.58
C GLU A 290 -0.91 -6.67 -34.20
N THR A 291 -1.58 -6.06 -35.18
CA THR A 291 -2.34 -4.84 -34.93
C THR A 291 -3.50 -5.07 -33.97
N ILE A 292 -4.24 -6.16 -34.15
CA ILE A 292 -5.40 -6.43 -33.30
C ILE A 292 -4.97 -6.61 -31.84
N VAL A 293 -3.85 -7.28 -31.62
CA VAL A 293 -3.33 -7.44 -30.26
C VAL A 293 -2.86 -6.10 -29.72
N ARG A 294 -2.29 -5.26 -30.60
CA ARG A 294 -1.76 -3.98 -30.15
C ARG A 294 -2.83 -3.13 -29.48
N ALA A 295 -4.00 -3.01 -30.11
CA ALA A 295 -5.02 -2.11 -29.59
C ALA A 295 -5.66 -2.66 -28.32
N TYR A 296 -5.78 -3.99 -28.22
CA TYR A 296 -6.43 -4.59 -27.07
C TYR A 296 -5.54 -4.52 -25.84
N TYR A 297 -4.21 -4.42 -26.06
CA TYR A 297 -3.31 -4.04 -24.98
C TYR A 297 -3.41 -2.54 -24.70
N GLU A 298 -3.67 -1.75 -25.74
CA GLU A 298 -3.92 -0.32 -25.57
C GLU A 298 -5.28 -0.04 -24.95
N PHE A 299 -6.09 -1.07 -24.72
CA PHE A 299 -7.46 -0.85 -24.29
C PHE A 299 -7.64 -1.05 -22.79
N LEU A 300 -7.30 -2.24 -22.28
CA LEU A 300 -7.59 -2.56 -20.88
C LEU A 300 -6.37 -2.55 -19.98
N ILE A 301 -5.23 -3.06 -20.43
CA ILE A 301 -4.03 -3.04 -19.59
C ILE A 301 -3.62 -1.60 -19.29
N LYS A 302 -3.61 -0.77 -20.31
CA LYS A 302 -3.42 0.67 -20.17
C LYS A 302 -4.49 1.35 -21.01
N LYS A 303 -5.17 2.33 -20.42
CA LYS A 303 -6.47 2.77 -20.91
C LYS A 303 -6.33 3.85 -21.98
N SER A 304 -6.68 3.51 -23.22
CA SER A 304 -7.10 4.52 -24.18
C SER A 304 -8.58 4.83 -24.07
N PHE A 305 -9.30 4.02 -23.29
CA PHE A 305 -10.67 4.35 -22.90
C PHE A 305 -10.77 5.68 -22.16
N LYS A 306 -9.96 5.86 -21.11
CA LYS A 306 -10.17 6.96 -20.19
C LYS A 306 -9.79 8.30 -20.79
N ASN A 307 -8.73 8.35 -21.58
CA ASN A 307 -8.14 9.63 -22.01
C ASN A 307 -8.86 10.24 -23.20
N MET A 308 -10.18 10.42 -23.07
CA MET A 308 -10.97 11.04 -24.11
C MET A 308 -12.14 11.76 -23.46
N GLY A 309 -12.61 12.82 -24.12
CA GLY A 309 -13.69 13.65 -23.61
C GLY A 309 -15.07 13.04 -23.67
N PHE A 310 -15.25 11.92 -24.36
CA PHE A 310 -16.54 11.23 -24.32
C PHE A 310 -16.61 10.31 -23.09
N SER A 311 -17.84 10.00 -22.71
CA SER A 311 -18.13 9.01 -21.66
C SER A 311 -18.79 7.84 -22.38
N ILE A 312 -17.96 6.95 -22.93
CA ILE A 312 -18.47 5.87 -23.77
C ILE A 312 -19.37 4.94 -22.97
N LYS A 313 -19.11 4.78 -21.67
CA LYS A 313 -20.03 4.02 -20.83
C LYS A 313 -21.44 4.56 -20.93
N LYS A 314 -21.59 5.88 -20.79
CA LYS A 314 -22.91 6.49 -20.98
C LYS A 314 -23.34 6.39 -22.44
N LEU A 315 -22.40 6.52 -23.37
CA LEU A 315 -22.75 6.47 -24.78
C LEU A 315 -23.37 5.13 -25.16
N ARG A 316 -22.79 4.03 -24.69
CA ARG A 316 -23.34 2.73 -25.05
C ARG A 316 -24.70 2.53 -24.41
N GLU A 317 -24.90 3.08 -23.21
CA GLU A 317 -26.24 3.06 -22.61
C GLU A 317 -27.24 3.77 -23.51
N ILE A 318 -26.82 4.88 -24.12
CA ILE A 318 -27.67 5.56 -25.09
C ILE A 318 -27.84 4.71 -26.35
N MET A 319 -26.77 4.05 -26.80
CA MET A 319 -26.94 3.07 -27.87
C MET A 319 -27.82 1.91 -27.42
N LEU A 320 -27.63 1.44 -26.18
CA LEU A 320 -28.48 0.38 -25.67
C LEU A 320 -29.94 0.76 -25.64
N GLU A 321 -30.24 2.07 -25.71
CA GLU A 321 -31.62 2.53 -25.80
C GLU A 321 -32.20 2.39 -27.19
N GLN A 322 -31.44 1.85 -28.15
CA GLN A 322 -31.92 1.67 -29.51
C GLN A 322 -32.48 0.26 -29.68
N SER A 323 -33.48 0.14 -30.56
CA SER A 323 -34.30 -1.07 -30.61
C SER A 323 -33.50 -2.30 -31.03
N ASP A 324 -32.65 -2.17 -32.06
CA ASP A 324 -32.04 -3.35 -32.67
C ASP A 324 -31.18 -4.13 -31.69
N LEU A 325 -30.67 -3.47 -30.65
CA LEU A 325 -29.82 -4.12 -29.68
C LEU A 325 -30.43 -4.24 -28.29
N LYS A 326 -31.76 -4.29 -28.19
CA LYS A 326 -32.39 -4.89 -27.02
C LYS A 326 -32.30 -6.41 -27.05
N SER A 327 -31.82 -6.98 -28.16
CA SER A 327 -31.74 -8.41 -28.36
C SER A 327 -30.55 -9.02 -27.62
N PHE A 328 -29.81 -8.19 -26.89
CA PHE A 328 -28.74 -8.66 -26.02
C PHE A 328 -29.06 -8.47 -24.55
N LYS A 329 -30.30 -8.13 -24.22
CA LYS A 329 -30.70 -7.85 -22.85
C LYS A 329 -31.46 -9.02 -22.21
N GLU A 330 -31.45 -10.18 -22.84
CA GLU A 330 -32.21 -11.32 -22.32
C GLU A 330 -31.63 -11.80 -20.99
N ASP A 331 -32.49 -12.43 -20.20
CA ASP A 331 -32.07 -12.96 -18.91
C ASP A 331 -31.02 -14.06 -19.07
N LYS A 332 -31.16 -14.88 -20.12
CA LYS A 332 -30.21 -15.97 -20.33
C LYS A 332 -28.80 -15.47 -20.56
N TYR A 333 -28.62 -14.20 -20.93
CA TYR A 333 -27.28 -13.66 -21.13
C TYR A 333 -26.62 -13.26 -19.82
N ASN A 334 -27.24 -13.54 -18.67
CA ASN A 334 -26.63 -13.25 -17.39
C ASN A 334 -25.39 -14.08 -17.13
N SER A 335 -25.21 -15.20 -17.84
CA SER A 335 -24.04 -16.04 -17.61
C SER A 335 -22.75 -15.31 -17.99
N VAL A 336 -22.81 -14.38 -18.94
CA VAL A 336 -21.64 -13.62 -19.34
C VAL A 336 -22.00 -12.14 -19.49
N ARG A 337 -21.42 -11.31 -18.62
CA ARG A 337 -21.59 -9.87 -18.70
C ARG A 337 -20.27 -9.14 -18.89
N ALA A 338 -19.29 -9.38 -18.03
CA ALA A 338 -18.00 -8.70 -18.15
C ALA A 338 -17.33 -9.03 -19.47
N LYS A 339 -17.36 -10.31 -19.86
CA LYS A 339 -16.84 -10.70 -21.17
C LYS A 339 -17.81 -10.40 -22.28
N LEU A 340 -18.83 -9.59 -22.00
CA LEU A 340 -19.74 -9.07 -23.02
C LEU A 340 -19.77 -7.55 -23.03
N TYR A 341 -19.75 -6.93 -21.85
CA TYR A 341 -19.72 -5.47 -21.76
C TYR A 341 -18.48 -4.90 -22.41
N LYS A 342 -17.32 -5.54 -22.20
CA LYS A 342 -16.06 -4.99 -22.70
C LYS A 342 -16.00 -5.05 -24.23
N LEU A 343 -16.61 -6.07 -24.84
CA LEU A 343 -16.44 -6.27 -26.27
C LEU A 343 -17.04 -5.12 -27.07
N PHE A 344 -18.24 -4.66 -26.71
CA PHE A 344 -18.78 -3.47 -27.38
C PHE A 344 -17.95 -2.24 -27.04
N ASP A 345 -17.30 -2.26 -25.87
CA ASP A 345 -16.48 -1.11 -25.48
C ASP A 345 -15.25 -0.99 -26.40
N PHE A 346 -14.59 -2.10 -26.70
CA PHE A 346 -13.39 -2.03 -27.51
C PHE A 346 -13.70 -1.66 -28.95
N ILE A 347 -14.83 -2.12 -29.48
CA ILE A 347 -15.19 -1.80 -30.85
C ILE A 347 -15.35 -0.30 -31.03
N ILE A 348 -15.99 0.36 -30.06
CA ILE A 348 -16.23 1.79 -30.16
C ILE A 348 -14.92 2.56 -30.17
N THR A 349 -14.00 2.22 -29.26
CA THR A 349 -12.73 2.92 -29.24
C THR A 349 -11.85 2.53 -30.42
N TYR A 350 -12.22 1.47 -31.14
CA TYR A 350 -11.58 1.19 -32.42
C TYR A 350 -12.33 1.85 -33.57
N TYR A 351 -13.64 2.03 -33.43
CA TYR A 351 -14.41 2.70 -34.48
C TYR A 351 -13.96 4.14 -34.65
N TYR A 352 -13.77 4.86 -33.54
CA TYR A 352 -13.36 6.26 -33.61
C TYR A 352 -11.94 6.40 -34.14
N ASP A 353 -11.06 5.45 -33.79
CA ASP A 353 -9.65 5.58 -34.17
C ASP A 353 -9.48 5.59 -35.68
N HIS A 354 -10.22 4.73 -36.39
CA HIS A 354 -10.09 4.70 -37.84
C HIS A 354 -10.65 5.96 -38.50
N HIS A 355 -11.78 6.46 -38.00
CA HIS A 355 -12.42 7.62 -38.64
C HIS A 355 -11.65 8.90 -38.35
N ALA A 356 -11.20 9.08 -37.11
CA ALA A 356 -10.41 10.22 -36.69
C ALA A 356 -11.17 11.54 -36.86
N PHE A 357 -11.48 11.90 -38.12
CA PHE A 357 -12.14 13.18 -38.38
C PHE A 357 -13.51 13.24 -37.71
N GLU A 358 -14.27 12.15 -37.77
CA GLU A 358 -15.57 12.12 -37.10
C GLU A 358 -15.42 12.28 -35.60
N LYS A 359 -14.38 11.67 -35.02
CA LYS A 359 -14.08 11.88 -33.62
C LYS A 359 -13.77 13.34 -33.33
N GLU A 360 -12.98 13.98 -34.20
CA GLU A 360 -12.71 15.41 -34.05
C GLU A 360 -13.98 16.22 -34.23
N ALA A 361 -14.84 15.81 -35.16
CA ALA A 361 -16.09 16.53 -35.38
C ALA A 361 -16.97 16.49 -34.15
N LEU A 362 -17.05 15.34 -33.47
CA LEU A 362 -17.84 15.24 -32.26
C LEU A 362 -17.20 16.04 -31.12
N VAL A 363 -15.87 16.22 -31.17
CA VAL A 363 -15.20 17.04 -30.18
C VAL A 363 -15.61 18.51 -30.33
N SER A 364 -15.57 19.03 -31.55
CA SER A 364 -15.93 20.42 -31.78
C SER A 364 -17.40 20.67 -31.48
N SER A 365 -18.27 19.73 -31.86
CA SER A 365 -19.70 19.93 -31.64
C SER A 365 -20.03 20.00 -30.15
N LEU A 366 -19.44 19.10 -29.35
CA LEU A 366 -19.67 19.15 -27.92
C LEU A 366 -19.03 20.37 -27.28
N ARG A 367 -17.83 20.75 -27.74
CA ARG A 367 -17.18 21.93 -27.20
C ARG A 367 -17.92 23.21 -27.56
N SER A 368 -18.64 23.22 -28.68
CA SER A 368 -19.43 24.37 -29.11
C SER A 368 -20.90 24.22 -28.75
N SER A 369 -21.25 23.20 -28.00
CA SER A 369 -22.63 23.00 -27.57
C SER A 369 -23.00 24.01 -26.49
N LEU A 370 -24.28 24.34 -26.42
CA LEU A 370 -24.76 25.45 -25.61
C LEU A 370 -25.22 25.01 -24.22
N THR A 371 -26.23 24.14 -24.13
CA THR A 371 -26.91 23.84 -22.89
C THR A 371 -26.95 22.35 -22.66
N GLU A 372 -27.41 21.95 -21.46
CA GLU A 372 -27.51 20.54 -21.12
C GLU A 372 -28.46 19.80 -22.03
N GLU A 373 -29.58 20.44 -22.40
CA GLU A 373 -30.48 19.82 -23.38
C GLU A 373 -29.77 19.60 -24.71
N ASN A 374 -28.83 20.48 -25.05
CA ASN A 374 -28.05 20.29 -26.27
C ASN A 374 -27.07 19.13 -26.12
N LYS A 375 -26.56 18.91 -24.90
CA LYS A 375 -25.67 17.78 -24.67
C LYS A 375 -26.35 16.46 -24.99
N GLU A 376 -27.57 16.25 -24.45
CA GLU A 376 -28.26 14.98 -24.64
C GLU A 376 -28.59 14.74 -26.10
N GLU A 377 -29.11 15.77 -26.79
CA GLU A 377 -29.51 15.60 -28.17
C GLU A 377 -28.33 15.24 -29.07
N ILE A 378 -27.16 15.85 -28.79
CA ILE A 378 -25.95 15.46 -29.51
C ILE A 378 -25.63 14.00 -29.25
N TYR A 379 -25.72 13.59 -27.99
CA TYR A 379 -25.52 12.18 -27.66
C TYR A 379 -26.60 11.31 -28.30
N ILE A 380 -27.85 11.78 -28.31
CA ILE A 380 -28.96 10.97 -28.79
C ILE A 380 -28.80 10.65 -30.27
N LYS A 381 -28.55 11.67 -31.10
CA LYS A 381 -28.49 11.41 -32.54
C LYS A 381 -27.21 10.68 -32.91
N THR A 382 -26.12 10.92 -32.18
CA THR A 382 -24.88 10.20 -32.45
C THR A 382 -25.05 8.71 -32.23
N ALA A 383 -25.72 8.33 -31.14
CA ALA A 383 -25.87 6.91 -30.81
C ALA A 383 -26.72 6.18 -31.85
N ARG A 384 -27.84 6.78 -32.26
CA ARG A 384 -28.70 6.12 -33.22
C ARG A 384 -28.01 5.95 -34.57
N THR A 385 -27.10 6.86 -34.92
CA THR A 385 -26.27 6.64 -36.09
C THR A 385 -25.28 5.50 -35.87
N LEU A 386 -24.73 5.40 -34.66
CA LEU A 386 -23.75 4.36 -34.36
C LEU A 386 -24.37 2.97 -34.49
N ALA A 387 -25.56 2.76 -33.93
CA ALA A 387 -26.22 1.47 -34.05
C ALA A 387 -26.54 1.16 -35.50
N SER A 388 -27.04 2.15 -36.24
CA SER A 388 -27.33 1.96 -37.65
C SER A 388 -26.07 1.81 -38.48
N ALA A 389 -24.91 2.21 -37.95
CA ALA A 389 -23.67 2.14 -38.72
C ALA A 389 -23.08 0.73 -38.69
N LEU A 390 -22.80 0.21 -37.51
CA LEU A 390 -22.07 -1.05 -37.35
C LEU A 390 -22.77 -1.95 -36.35
N GLY A 391 -24.09 -1.89 -36.31
CA GLY A 391 -24.84 -2.78 -35.42
C GLY A 391 -24.68 -4.24 -35.80
N ALA A 392 -24.49 -4.51 -37.09
CA ALA A 392 -24.34 -5.89 -37.54
C ALA A 392 -23.12 -6.55 -36.91
N ASP A 393 -22.03 -5.79 -36.76
CA ASP A 393 -20.87 -6.32 -36.06
C ASP A 393 -21.20 -6.64 -34.61
N PHE A 394 -21.99 -5.79 -33.97
CA PHE A 394 -22.40 -6.07 -32.59
C PHE A 394 -23.20 -7.36 -32.49
N LYS A 395 -24.15 -7.56 -33.41
CA LYS A 395 -24.90 -8.80 -33.43
C LYS A 395 -23.99 -9.99 -33.73
N LYS A 396 -23.12 -9.84 -34.74
CA LYS A 396 -22.23 -10.93 -35.11
C LYS A 396 -21.27 -11.27 -33.97
N ALA A 397 -20.72 -10.26 -33.31
CA ALA A 397 -19.80 -10.51 -32.21
C ALA A 397 -20.53 -11.12 -31.01
N ALA A 398 -21.67 -10.55 -30.64
CA ALA A 398 -22.39 -11.02 -29.47
C ALA A 398 -23.01 -12.39 -29.64
N ALA A 399 -23.09 -12.89 -30.87
CA ALA A 399 -23.63 -14.22 -31.12
C ALA A 399 -22.59 -15.32 -30.92
N ASP A 400 -21.32 -14.98 -30.77
CA ASP A 400 -20.26 -15.97 -30.66
C ASP A 400 -20.04 -16.46 -29.23
N VAL A 401 -20.59 -15.78 -28.24
CA VAL A 401 -20.34 -16.10 -26.84
C VAL A 401 -21.30 -17.19 -26.38
N ASN A 402 -20.75 -18.27 -25.85
CA ASN A 402 -21.51 -19.38 -25.31
C ASN A 402 -20.56 -20.27 -24.53
N ALA A 403 -21.12 -21.25 -23.81
CA ALA A 403 -20.30 -22.16 -23.04
C ALA A 403 -19.40 -23.01 -23.94
N LYS A 404 -19.93 -23.47 -25.07
CA LYS A 404 -19.17 -24.36 -25.94
C LYS A 404 -17.99 -23.62 -26.58
N ASN A 405 -18.24 -22.43 -27.12
CA ASN A 405 -17.18 -21.68 -27.77
C ASN A 405 -16.10 -21.25 -26.78
N ILE A 406 -16.51 -20.81 -25.58
CA ILE A 406 -15.55 -20.37 -24.58
C ILE A 406 -14.64 -21.53 -24.17
N ARG A 407 -15.23 -22.70 -23.93
CA ARG A 407 -14.43 -23.87 -23.57
C ARG A 407 -13.52 -24.28 -24.72
N ASP A 408 -14.02 -24.23 -25.96
CA ASP A 408 -13.21 -24.59 -27.11
C ASP A 408 -12.05 -23.62 -27.30
N TYR A 409 -12.30 -22.32 -27.10
CA TYR A 409 -11.25 -21.33 -27.26
C TYR A 409 -10.16 -21.49 -26.20
N GLN A 410 -10.54 -21.89 -24.99
CA GLN A 410 -9.55 -22.11 -23.94
C GLN A 410 -8.68 -23.33 -24.23
N LYS A 411 -9.19 -24.27 -25.03
CA LYS A 411 -8.42 -25.47 -25.35
C LYS A 411 -7.19 -25.12 -26.19
N LYS A 412 -7.34 -24.24 -27.16
CA LYS A 412 -6.25 -23.83 -28.03
C LYS A 412 -5.72 -22.48 -27.55
N ALA A 413 -4.47 -22.46 -27.08
CA ALA A 413 -3.87 -21.26 -26.52
C ALA A 413 -2.48 -20.98 -27.09
N ASN A 414 -2.15 -21.54 -28.25
CA ASN A 414 -0.86 -21.28 -28.87
C ASN A 414 -1.03 -21.05 -30.37
N ASP A 415 -2.25 -20.77 -30.80
CA ASP A 415 -2.53 -20.45 -32.19
C ASP A 415 -2.08 -19.05 -32.56
N TYR A 416 -1.76 -18.21 -31.58
CA TYR A 416 -1.32 -16.84 -31.81
C TYR A 416 0.15 -16.73 -31.43
N ARG A 417 0.93 -16.08 -32.29
CA ARG A 417 2.35 -15.85 -32.05
C ARG A 417 2.65 -14.40 -32.45
N ILE A 418 2.55 -13.49 -31.49
CA ILE A 418 2.80 -12.07 -31.70
C ILE A 418 3.76 -11.59 -30.63
N SER A 419 4.81 -10.88 -31.04
CA SER A 419 5.82 -10.40 -30.11
C SER A 419 5.53 -8.99 -29.62
N PHE A 420 5.12 -8.11 -30.54
CA PHE A 420 4.73 -6.73 -30.23
C PHE A 420 5.71 -6.06 -29.26
N GLU A 421 7.00 -6.17 -29.58
CA GLU A 421 8.05 -5.74 -28.66
C GLU A 421 8.39 -4.26 -28.82
N ASP A 422 8.37 -3.74 -30.05
CA ASP A 422 9.06 -2.48 -30.33
C ASP A 422 8.46 -1.30 -29.57
N ILE A 423 7.14 -1.08 -29.68
CA ILE A 423 6.57 0.11 -29.07
C ILE A 423 6.25 -0.14 -27.60
N LYS A 424 6.38 -1.39 -27.15
CA LYS A 424 6.27 -1.66 -25.72
C LYS A 424 7.39 -0.98 -24.97
N ILE A 425 7.05 -0.41 -23.80
CA ILE A 425 8.01 0.30 -22.98
C ILE A 425 9.12 -0.60 -22.45
N GLY A 426 9.00 -1.92 -22.64
CA GLY A 426 10.13 -2.80 -22.34
C GLY A 426 11.31 -2.54 -23.24
N ASN A 427 11.05 -2.35 -24.53
CA ASN A 427 12.08 -1.91 -25.48
C ASN A 427 12.04 -0.42 -25.74
N THR A 428 10.89 0.22 -25.60
CA THR A 428 10.79 1.66 -25.71
C THR A 428 11.44 2.32 -24.49
N GLY A 429 11.84 3.57 -24.65
CA GLY A 429 12.53 4.29 -23.60
C GLY A 429 11.64 4.64 -22.44
N ILE A 430 11.25 3.61 -21.66
CA ILE A 430 10.42 3.82 -20.48
C ILE A 430 11.06 4.83 -19.56
N GLY A 431 10.23 5.55 -18.82
CA GLY A 431 10.72 6.56 -17.91
C GLY A 431 11.50 5.95 -16.76
N TYR A 432 12.36 6.77 -16.17
CA TYR A 432 13.18 6.35 -15.06
C TYR A 432 12.46 6.45 -13.72
N PHE A 433 11.39 7.24 -13.64
CA PHE A 433 10.57 7.35 -12.44
C PHE A 433 9.76 6.09 -12.19
N SER A 434 9.35 5.39 -13.25
CA SER A 434 8.56 4.17 -13.07
C SER A 434 9.44 3.00 -12.62
N GLU A 435 10.69 2.94 -13.08
CA GLU A 435 11.57 1.86 -12.65
C GLU A 435 11.86 1.94 -11.16
N LEU A 436 11.92 3.15 -10.61
CA LEU A 436 12.08 3.30 -9.17
C LEU A 436 10.87 2.75 -8.43
N ILE A 437 9.69 2.97 -8.97
CA ILE A 437 8.47 2.42 -8.38
C ILE A 437 8.50 0.90 -8.45
N TYR A 438 9.02 0.34 -9.54
CA TYR A 438 9.12 -1.12 -9.64
C TYR A 438 10.13 -1.67 -8.63
N MET A 439 11.23 -0.95 -8.42
CA MET A 439 12.20 -1.35 -7.42
C MET A 439 11.58 -1.35 -6.02
N LEU A 440 10.76 -0.33 -5.72
CA LEU A 440 10.00 -0.35 -4.47
C LEU A 440 9.04 -1.54 -4.42
N THR A 441 8.39 -1.83 -5.54
CA THR A 441 7.41 -2.92 -5.60
C THR A 441 8.05 -4.27 -5.31
N LEU A 442 9.31 -4.44 -5.71
CA LEU A 442 9.99 -5.71 -5.48
C LEU A 442 10.04 -6.10 -4.02
N LEU A 443 9.99 -5.14 -3.10
CA LEU A 443 10.25 -5.38 -1.68
C LEU A 443 8.98 -5.28 -0.83
N LEU A 444 7.82 -5.65 -1.37
CA LEU A 444 6.56 -5.53 -0.65
C LEU A 444 5.67 -6.72 -0.98
N ASP A 445 4.45 -6.69 -0.46
CA ASP A 445 3.43 -7.71 -0.67
C ASP A 445 2.25 -7.11 -1.42
N GLY A 446 1.21 -7.91 -1.61
CA GLY A 446 0.14 -7.53 -2.52
C GLY A 446 -0.61 -6.28 -2.09
N LYS A 447 -1.00 -6.23 -0.82
CA LYS A 447 -1.84 -5.12 -0.36
C LYS A 447 -1.11 -3.78 -0.44
N GLU A 448 0.15 -3.77 -0.02
CA GLU A 448 0.91 -2.52 -0.05
C GLU A 448 1.14 -2.04 -1.48
N ILE A 449 1.45 -2.96 -2.39
CA ILE A 449 1.63 -2.60 -3.79
C ILE A 449 0.35 -2.04 -4.36
N ASN A 450 -0.78 -2.67 -4.05
CA ASN A 450 -2.06 -2.19 -4.54
C ASN A 450 -2.35 -0.79 -4.03
N ASP A 451 -2.09 -0.55 -2.74
CA ASP A 451 -2.31 0.77 -2.17
C ASP A 451 -1.47 1.82 -2.88
N LEU A 452 -0.16 1.59 -2.97
CA LEU A 452 0.73 2.59 -3.58
C LEU A 452 0.35 2.86 -5.02
N LEU A 453 0.16 1.81 -5.82
CA LEU A 453 -0.14 1.99 -7.22
C LEU A 453 -1.48 2.68 -7.43
N THR A 454 -2.51 2.28 -6.68
CA THR A 454 -3.81 2.92 -6.84
C THR A 454 -3.75 4.40 -6.51
N THR A 455 -3.05 4.75 -5.42
CA THR A 455 -2.92 6.16 -5.07
C THR A 455 -2.20 6.93 -6.18
N LEU A 456 -1.12 6.36 -6.72
CA LEU A 456 -0.37 7.07 -7.76
C LEU A 456 -1.21 7.27 -9.02
N ILE A 457 -1.95 6.24 -9.44
CA ILE A 457 -2.78 6.38 -10.63
C ILE A 457 -3.86 7.42 -10.42
N ASN A 458 -4.52 7.42 -9.25
CA ASN A 458 -5.54 8.42 -8.97
C ASN A 458 -4.95 9.83 -9.01
N LYS A 459 -3.79 10.02 -8.39
CA LYS A 459 -3.21 11.35 -8.32
C LYS A 459 -2.82 11.85 -9.71
N PHE A 460 -2.23 10.99 -10.54
CA PHE A 460 -1.82 11.43 -11.86
C PHE A 460 -3.03 11.70 -12.76
N ASP A 461 -4.09 10.91 -12.62
CA ASP A 461 -5.32 11.18 -13.35
C ASP A 461 -5.90 12.55 -12.97
N ASN A 462 -5.90 12.86 -11.67
CA ASN A 462 -6.39 14.16 -11.24
C ASN A 462 -5.52 15.29 -11.80
N ILE A 463 -4.21 15.08 -11.82
CA ILE A 463 -3.30 16.11 -12.35
C ILE A 463 -3.60 16.36 -13.82
N ILE A 464 -3.79 15.29 -14.59
CA ILE A 464 -4.11 15.43 -16.01
C ILE A 464 -5.41 16.20 -16.21
N SER A 465 -6.44 15.83 -15.44
CA SER A 465 -7.72 16.53 -15.59
C SER A 465 -7.58 18.01 -15.24
N PHE A 466 -6.82 18.32 -14.19
CA PHE A 466 -6.71 19.70 -13.75
C PHE A 466 -5.93 20.54 -14.76
N ILE A 467 -4.86 19.97 -15.34
CA ILE A 467 -4.09 20.74 -16.31
C ILE A 467 -4.91 20.95 -17.58
N ASP A 468 -5.73 19.95 -17.95
CA ASP A 468 -6.66 20.14 -19.06
C ASP A 468 -7.63 21.28 -18.77
N ILE A 469 -8.18 21.33 -17.56
CA ILE A 469 -9.12 22.39 -17.20
C ILE A 469 -8.43 23.74 -17.28
N LEU A 470 -7.19 23.83 -16.79
CA LEU A 470 -6.46 25.10 -16.87
C LEU A 470 -6.23 25.53 -18.31
N LYS A 471 -5.90 24.57 -19.19
CA LYS A 471 -5.69 24.93 -20.60
C LYS A 471 -7.00 25.35 -21.25
N LYS A 472 -8.13 24.82 -20.78
CA LYS A 472 -9.42 25.15 -21.39
C LYS A 472 -9.76 26.63 -21.21
N LEU A 473 -9.40 27.21 -20.07
CA LEU A 473 -9.74 28.60 -19.78
C LEU A 473 -8.69 29.60 -20.27
N ASN A 474 -7.67 29.14 -20.98
CA ASN A 474 -6.61 30.00 -21.51
C ASN A 474 -5.93 30.77 -20.36
N LEU A 475 -5.31 29.98 -19.48
CA LEU A 475 -4.61 30.50 -18.32
C LEU A 475 -3.22 29.89 -18.27
N GLU A 476 -2.33 30.56 -17.53
CA GLU A 476 -0.96 30.09 -17.43
C GLU A 476 -0.91 28.69 -16.82
N PHE A 477 -0.18 27.79 -17.48
CA PHE A 477 -0.13 26.40 -17.07
C PHE A 477 1.27 25.80 -17.08
N LYS A 478 2.27 26.51 -17.58
CA LYS A 478 3.63 25.99 -17.54
C LYS A 478 4.21 26.12 -16.13
N PHE A 479 4.97 25.10 -15.72
CA PHE A 479 5.64 25.13 -14.44
C PHE A 479 7.00 25.82 -14.58
N LYS A 480 7.76 25.82 -13.49
CA LYS A 480 9.12 26.34 -13.53
C LYS A 480 10.00 25.41 -14.37
N PRO A 481 11.15 25.91 -14.84
CA PRO A 481 12.06 25.04 -15.60
C PRO A 481 12.49 23.79 -14.83
N GLU A 482 12.53 23.87 -13.50
CA GLU A 482 12.95 22.71 -12.71
C GLU A 482 11.91 21.60 -12.76
N TYR A 483 10.63 21.96 -12.85
CA TYR A 483 9.53 21.01 -12.74
C TYR A 483 8.91 20.65 -14.08
N ALA A 484 9.08 21.49 -15.10
CA ALA A 484 8.37 21.30 -16.35
C ALA A 484 8.78 20.02 -17.07
N ASP A 485 10.00 19.54 -16.81
CA ASP A 485 10.48 18.35 -17.50
C ASP A 485 9.64 17.13 -17.17
N PHE A 486 9.03 17.12 -15.97
CA PHE A 486 8.21 15.99 -15.55
C PHE A 486 6.71 16.33 -15.59
N PHE A 487 6.34 17.54 -15.17
CA PHE A 487 4.93 17.90 -15.02
C PHE A 487 4.44 18.64 -16.27
N ASN A 488 3.96 17.86 -17.22
CA ASN A 488 3.25 18.37 -18.38
C ASN A 488 2.32 17.28 -18.89
N MET A 489 1.56 17.60 -19.94
CA MET A 489 0.55 16.66 -20.42
C MET A 489 1.17 15.35 -20.90
N THR A 490 2.20 15.45 -21.75
CA THR A 490 2.74 14.24 -22.39
C THR A 490 3.44 13.34 -21.38
N ASN A 491 4.34 13.90 -20.57
CA ASN A 491 5.10 13.07 -19.63
C ASN A 491 4.20 12.49 -18.55
N CYS A 492 3.21 13.27 -18.08
CA CYS A 492 2.26 12.73 -17.11
C CYS A 492 1.43 11.62 -17.72
N ARG A 493 1.03 11.77 -18.98
CA ARG A 493 0.28 10.72 -19.66
C ARG A 493 1.12 9.44 -19.74
N TYR A 494 2.39 9.60 -20.15
CA TYR A 494 3.28 8.45 -20.28
C TYR A 494 3.51 7.77 -18.95
N THR A 495 3.74 8.56 -17.89
CA THR A 495 4.02 7.97 -16.60
C THR A 495 2.77 7.35 -15.98
N LEU A 496 1.58 7.86 -16.31
CA LEU A 496 0.36 7.21 -15.87
C LEU A 496 0.20 5.86 -16.54
N GLU A 497 0.47 5.80 -17.85
CA GLU A 497 0.42 4.51 -18.53
C GLU A 497 1.44 3.53 -17.96
N GLU A 498 2.64 4.02 -17.65
CA GLU A 498 3.68 3.16 -17.07
C GLU A 498 3.27 2.65 -15.70
N LEU A 499 2.69 3.50 -14.87
CA LEU A 499 2.22 3.05 -13.56
C LEU A 499 1.10 2.02 -13.71
N ARG A 500 0.20 2.24 -14.66
CA ARG A 500 -0.88 1.29 -14.88
C ARG A 500 -0.35 -0.08 -15.29
N VAL A 501 0.65 -0.10 -16.19
CA VAL A 501 1.18 -1.40 -16.59
C VAL A 501 1.98 -2.04 -15.46
N ILE A 502 2.64 -1.23 -14.63
CA ILE A 502 3.32 -1.78 -13.46
C ILE A 502 2.33 -2.46 -12.54
N ASN A 503 1.16 -1.84 -12.35
CA ASN A 503 0.15 -2.43 -11.47
C ASN A 503 -0.35 -3.77 -11.98
N SER A 504 -0.47 -3.92 -13.30
CA SER A 504 -1.11 -5.09 -13.90
C SER A 504 -0.06 -6.18 -14.16
N ILE A 505 0.44 -6.76 -13.07
CA ILE A 505 1.37 -7.88 -13.13
C ILE A 505 0.89 -8.94 -12.15
N ALA A 506 0.75 -10.18 -12.62
CA ALA A 506 0.35 -11.29 -11.77
C ALA A 506 1.56 -11.84 -11.04
N ARG A 507 1.44 -11.97 -9.72
CA ARG A 507 2.52 -12.45 -8.88
C ARG A 507 2.06 -13.64 -8.06
N MET A 508 2.85 -14.71 -8.07
CA MET A 508 2.60 -15.86 -7.21
C MET A 508 3.42 -15.83 -5.93
N GLN A 509 4.65 -15.31 -6.00
CA GLN A 509 5.51 -15.09 -4.83
C GLN A 509 5.64 -16.37 -3.98
N LYS A 510 5.79 -17.49 -4.66
CA LYS A 510 6.02 -18.75 -3.98
C LYS A 510 7.37 -18.68 -3.26
N PRO A 511 7.44 -19.17 -2.02
CA PRO A 511 8.66 -18.98 -1.21
C PRO A 511 9.85 -19.78 -1.71
N SER A 512 10.18 -19.64 -3.00
CA SER A 512 11.36 -20.23 -3.61
C SER A 512 11.47 -21.73 -3.33
N ALA A 513 12.68 -22.26 -3.42
CA ALA A 513 12.94 -23.66 -3.08
C ALA A 513 14.11 -23.85 -2.14
N ASP A 514 15.03 -22.89 -2.05
CA ASP A 514 16.15 -22.95 -1.13
C ASP A 514 15.86 -22.27 0.20
N ALA A 515 15.09 -21.18 0.17
CA ALA A 515 14.78 -20.41 1.37
C ALA A 515 13.91 -21.16 2.37
N ARG A 516 13.32 -22.29 1.96
CA ARG A 516 12.40 -23.02 2.82
C ARG A 516 13.04 -23.56 4.10
N LYS A 517 14.36 -23.68 4.15
CA LYS A 517 15.00 -24.22 5.35
C LYS A 517 14.92 -23.23 6.50
N ILE A 518 15.29 -21.97 6.25
CA ILE A 518 15.15 -20.95 7.28
C ILE A 518 13.68 -20.71 7.59
N MET A 519 12.82 -20.87 6.57
CA MET A 519 11.38 -20.84 6.81
C MET A 519 10.97 -21.91 7.80
N TYR A 520 11.49 -23.13 7.67
CA TYR A 520 11.14 -24.20 8.60
C TYR A 520 11.62 -23.87 10.00
N ARG A 521 12.85 -23.36 10.10
CA ARG A 521 13.39 -23.01 11.41
C ARG A 521 12.51 -21.99 12.12
N ASP A 522 12.20 -20.89 11.44
CA ASP A 522 11.38 -19.84 12.07
C ASP A 522 9.94 -20.30 12.29
N ALA A 523 9.42 -21.14 11.40
CA ALA A 523 8.05 -21.62 11.53
C ALA A 523 7.88 -22.47 12.79
N LEU A 524 8.85 -23.35 13.06
CA LEU A 524 8.80 -24.04 14.35
C LEU A 524 9.16 -23.11 15.51
N ARG A 525 9.95 -22.06 15.27
CA ARG A 525 10.29 -21.15 16.35
C ARG A 525 9.07 -20.36 16.82
N ILE A 526 8.13 -20.06 15.93
CA ILE A 526 6.92 -19.36 16.35
C ILE A 526 6.02 -20.31 17.16
N LEU A 527 5.79 -21.52 16.64
CA LEU A 527 4.99 -22.51 17.35
C LEU A 527 5.87 -23.24 18.38
N GLY A 528 6.08 -22.56 19.50
CA GLY A 528 6.93 -23.08 20.54
C GLY A 528 8.41 -22.84 20.24
N MET A 529 9.25 -23.20 21.20
CA MET A 529 10.70 -23.06 21.09
C MET A 529 11.10 -21.60 20.84
N ASP A 530 10.82 -20.78 21.85
CA ASP A 530 11.14 -19.37 21.82
C ASP A 530 12.44 -19.12 22.57
N ASN A 531 13.38 -18.46 21.89
CA ASN A 531 14.69 -18.12 22.47
C ASN A 531 15.40 -19.37 22.99
N ARG A 532 15.70 -20.26 22.06
CA ARG A 532 16.41 -21.50 22.35
C ARG A 532 17.54 -21.68 21.34
N PRO A 533 18.59 -22.40 21.70
CA PRO A 533 19.71 -22.57 20.77
C PRO A 533 19.30 -23.36 19.54
N ASP A 534 20.00 -23.10 18.44
CA ASP A 534 19.70 -23.76 17.17
C ASP A 534 19.98 -25.26 17.21
N GLU A 535 20.83 -25.72 18.13
CA GLU A 535 21.10 -27.15 18.21
C GLU A 535 19.85 -27.93 18.60
N GLU A 536 19.10 -27.43 19.58
CA GLU A 536 17.84 -28.09 19.95
C GLU A 536 16.84 -28.04 18.80
N ILE A 537 16.79 -26.92 18.08
CA ILE A 537 15.88 -26.80 16.94
C ILE A 537 16.22 -27.84 15.90
N ASP A 538 17.52 -28.01 15.60
CA ASP A 538 17.93 -29.02 14.63
C ASP A 538 17.62 -30.42 15.13
N ARG A 539 17.78 -30.66 16.44
CA ARG A 539 17.48 -31.98 16.99
C ARG A 539 16.00 -32.31 16.82
N GLU A 540 15.13 -31.35 17.11
CA GLU A 540 13.70 -31.60 16.91
C GLU A 540 13.35 -31.72 15.43
N LEU A 541 14.02 -30.94 14.57
CA LEU A 541 13.87 -31.09 13.13
C LEU A 541 14.16 -32.53 12.70
N GLU A 542 15.28 -33.08 13.19
CA GLU A 542 15.67 -34.43 12.79
C GLU A 542 14.73 -35.48 13.37
N ARG A 543 14.36 -35.33 14.65
CA ARG A 543 13.57 -36.38 15.29
C ARG A 543 12.15 -36.39 14.78
N THR A 544 11.61 -35.22 14.41
CA THR A 544 10.24 -35.17 13.93
C THR A 544 10.13 -35.85 12.57
N MET A 545 10.74 -35.24 11.55
CA MET A 545 10.73 -35.76 10.20
C MET A 545 12.11 -36.29 9.85
N PRO A 546 12.29 -37.61 9.85
CA PRO A 546 13.60 -38.19 9.55
C PRO A 546 13.90 -38.13 8.06
N VAL A 547 15.15 -38.41 7.72
CA VAL A 547 15.59 -38.48 6.34
C VAL A 547 15.94 -39.92 5.94
N GLY A 548 16.49 -40.69 6.86
CA GLY A 548 16.87 -42.06 6.55
C GLY A 548 18.30 -42.15 6.07
N ALA A 549 18.49 -42.70 4.88
CA ALA A 549 19.81 -42.86 4.29
C ALA A 549 19.91 -42.06 2.99
N ASP A 550 21.13 -41.65 2.66
CA ASP A 550 21.44 -40.95 1.42
C ASP A 550 20.67 -39.62 1.30
N GLY A 551 20.33 -39.03 2.44
CA GLY A 551 19.65 -37.75 2.43
C GLY A 551 18.30 -37.76 1.76
N LYS A 552 17.61 -38.90 1.77
CA LYS A 552 16.31 -39.03 1.14
C LYS A 552 15.22 -38.64 2.14
N PHE A 553 13.97 -38.95 1.81
CA PHE A 553 12.85 -38.69 2.70
C PHE A 553 12.07 -39.99 2.90
N ILE A 554 11.68 -40.25 4.15
CA ILE A 554 11.02 -41.52 4.47
C ILE A 554 9.62 -41.52 3.87
N LYS A 555 9.45 -42.28 2.79
CA LYS A 555 8.17 -42.38 2.12
C LYS A 555 7.13 -43.01 3.05
N GLY A 556 5.94 -42.43 3.06
CA GLY A 556 4.87 -42.90 3.90
C GLY A 556 4.94 -42.46 5.35
N LYS A 557 5.94 -41.67 5.72
CA LYS A 557 6.09 -41.21 7.11
C LYS A 557 6.50 -39.75 7.18
N GLN A 558 6.08 -38.95 6.20
CA GLN A 558 6.36 -37.51 6.18
C GLN A 558 5.03 -36.78 6.08
N GLY A 559 4.51 -36.32 7.21
CA GLY A 559 3.26 -35.58 7.19
C GLY A 559 3.34 -34.25 7.90
N PHE A 560 4.37 -34.06 8.72
CA PHE A 560 4.55 -32.77 9.38
C PHE A 560 5.09 -31.73 8.41
N ARG A 561 6.02 -32.15 7.54
CA ARG A 561 6.55 -31.23 6.54
C ARG A 561 5.44 -30.72 5.64
N ASN A 562 4.55 -31.61 5.21
CA ASN A 562 3.45 -31.19 4.34
C ASN A 562 2.54 -30.19 5.05
N PHE A 563 2.17 -30.48 6.30
CA PHE A 563 1.27 -29.59 7.01
C PHE A 563 1.89 -28.22 7.22
N ILE A 564 3.12 -28.19 7.73
CA ILE A 564 3.77 -26.90 7.96
C ILE A 564 3.97 -26.15 6.65
N ALA A 565 4.42 -26.84 5.60
CA ALA A 565 4.70 -26.19 4.33
C ALA A 565 3.44 -25.62 3.70
N SER A 566 2.34 -26.36 3.73
CA SER A 566 1.12 -25.93 3.06
C SER A 566 0.24 -25.04 3.92
N ASN A 567 0.52 -24.89 5.21
CA ASN A 567 -0.32 -24.05 6.05
C ASN A 567 0.37 -22.86 6.69
N VAL A 568 1.70 -22.85 6.80
CA VAL A 568 2.40 -21.74 7.41
C VAL A 568 3.41 -21.18 6.41
N ILE A 569 4.11 -22.09 5.73
CA ILE A 569 5.26 -21.69 4.93
C ILE A 569 4.81 -20.86 3.73
N GLU A 570 3.74 -21.29 3.07
CA GLU A 570 3.23 -20.64 1.86
C GLU A 570 2.09 -19.68 2.14
N SER A 571 2.08 -19.04 3.31
CA SER A 571 1.02 -18.11 3.69
C SER A 571 1.57 -16.69 3.74
N SER A 572 0.79 -15.74 3.22
CA SER A 572 1.21 -14.35 3.26
C SER A 572 1.30 -13.83 4.69
N ARG A 573 0.48 -14.36 5.59
CA ARG A 573 0.52 -13.94 6.99
C ARG A 573 1.88 -14.25 7.60
N PHE A 574 2.41 -15.45 7.33
CA PHE A 574 3.71 -15.81 7.87
C PHE A 574 4.81 -14.93 7.32
N HIS A 575 4.75 -14.59 6.03
N HIS A 575 4.75 -14.59 6.03
CA HIS A 575 5.74 -13.68 5.46
CA HIS A 575 5.73 -13.69 5.45
C HIS A 575 5.66 -12.31 6.12
C HIS A 575 5.66 -12.31 6.11
N TYR A 576 4.45 -11.81 6.36
CA TYR A 576 4.30 -10.53 7.02
C TYR A 576 4.89 -10.58 8.43
N LEU A 577 4.62 -11.66 9.16
CA LEU A 577 5.16 -11.78 10.51
C LEU A 577 6.68 -11.87 10.50
N VAL A 578 7.26 -12.62 9.56
CA VAL A 578 8.71 -12.74 9.49
C VAL A 578 9.34 -11.41 9.13
N ARG A 579 8.75 -10.67 8.19
CA ARG A 579 9.30 -9.38 7.81
C ARG A 579 9.20 -8.37 8.96
N TYR A 580 8.10 -8.39 9.70
CA TYR A 580 7.82 -7.34 10.67
C TYR A 580 8.05 -7.75 12.11
N ASN A 581 7.89 -9.03 12.45
CA ASN A 581 7.96 -9.48 13.83
C ASN A 581 9.13 -10.44 14.00
N ASN A 582 9.76 -10.37 15.17
CA ASN A 582 10.91 -11.20 15.46
C ASN A 582 10.45 -12.60 15.87
N PRO A 583 10.87 -13.65 15.19
CA PRO A 583 10.43 -15.00 15.56
C PRO A 583 10.86 -15.41 16.96
N HIS A 584 11.90 -14.80 17.52
CA HIS A 584 12.34 -15.14 18.86
C HIS A 584 11.27 -14.82 19.91
N LYS A 585 10.62 -13.66 19.78
CA LYS A 585 9.78 -13.11 20.83
C LYS A 585 8.37 -12.80 20.35
N THR A 586 7.76 -13.68 19.58
CA THR A 586 6.44 -13.40 19.00
C THR A 586 5.30 -14.05 19.79
N ARG A 587 5.59 -15.05 20.61
CA ARG A 587 4.56 -15.78 21.34
C ARG A 587 3.83 -14.91 22.36
N THR A 588 4.45 -13.84 22.85
CA THR A 588 3.85 -13.04 23.90
C THR A 588 2.64 -12.24 23.45
N LEU A 589 2.39 -12.17 22.14
CA LEU A 589 1.27 -11.38 21.64
C LEU A 589 -0.07 -12.04 21.91
N VAL A 590 -0.09 -13.30 22.33
CA VAL A 590 -1.32 -14.04 22.54
C VAL A 590 -1.45 -14.47 24.01
N LYS A 591 -0.45 -14.15 24.83
CA LYS A 591 -0.48 -14.54 26.23
C LYS A 591 -1.39 -13.67 27.08
N ASN A 592 -1.58 -12.39 26.72
CA ASN A 592 -2.45 -11.50 27.47
C ASN A 592 -3.88 -11.67 26.99
N PRO A 593 -4.81 -12.09 27.85
CA PRO A 593 -6.17 -12.39 27.37
C PRO A 593 -6.90 -11.20 26.77
N ASN A 594 -6.75 -10.00 27.33
CA ASN A 594 -7.55 -8.85 26.89
C ASN A 594 -7.31 -8.53 25.42
N VAL A 595 -6.05 -8.56 24.99
CA VAL A 595 -5.74 -8.30 23.59
C VAL A 595 -6.40 -9.34 22.69
N VAL A 596 -6.38 -10.60 23.13
CA VAL A 596 -7.01 -11.66 22.35
C VAL A 596 -8.51 -11.41 22.21
N LYS A 597 -9.18 -11.08 23.32
CA LYS A 597 -10.61 -10.83 23.23
C LYS A 597 -10.91 -9.64 22.34
N PHE A 598 -10.11 -8.57 22.44
CA PHE A 598 -10.37 -7.39 21.62
C PHE A 598 -10.22 -7.72 20.14
N VAL A 599 -9.14 -8.39 19.77
CA VAL A 599 -8.90 -8.69 18.36
C VAL A 599 -9.96 -9.65 17.83
N LEU A 600 -10.37 -10.63 18.64
CA LEU A 600 -11.43 -11.53 18.21
C LEU A 600 -12.75 -10.78 18.04
N GLU A 601 -13.06 -9.86 18.96
CA GLU A 601 -14.31 -9.09 18.86
C GLU A 601 -14.30 -8.18 17.65
N GLY A 602 -13.12 -7.75 17.20
CA GLY A 602 -13.04 -6.98 15.97
C GLY A 602 -13.47 -7.78 14.75
N ILE A 603 -13.17 -9.07 14.74
CA ILE A 603 -13.53 -9.95 13.62
C ILE A 603 -15.04 -10.13 13.60
N PRO A 604 -15.71 -9.94 12.45
CA PRO A 604 -17.18 -10.02 12.43
C PRO A 604 -17.74 -11.40 12.74
N GLU A 605 -19.07 -11.52 12.72
CA GLU A 605 -19.77 -12.64 13.34
C GLU A 605 -19.61 -13.95 12.57
N THR A 606 -19.65 -13.91 11.24
CA THR A 606 -19.85 -15.13 10.47
C THR A 606 -18.65 -16.07 10.58
N GLN A 607 -17.44 -15.55 10.37
CA GLN A 607 -16.28 -16.43 10.44
C GLN A 607 -15.96 -16.81 11.88
N ILE A 608 -16.37 -15.99 12.85
CA ILE A 608 -16.34 -16.44 14.24
C ILE A 608 -17.21 -17.67 14.44
N LYS A 609 -18.44 -17.65 13.91
CA LYS A 609 -19.30 -18.82 14.02
C LYS A 609 -18.69 -20.02 13.31
N ARG A 610 -18.10 -19.79 12.14
CA ARG A 610 -17.50 -20.89 11.40
C ARG A 610 -16.33 -21.50 12.17
N TYR A 611 -15.51 -20.66 12.79
CA TYR A 611 -14.37 -21.17 13.55
C TYR A 611 -14.82 -21.90 14.80
N PHE A 612 -15.86 -21.40 15.47
CA PHE A 612 -16.38 -22.11 16.62
C PHE A 612 -16.92 -23.48 16.23
N ASP A 613 -17.57 -23.55 15.07
CA ASP A 613 -18.10 -24.84 14.61
C ASP A 613 -16.98 -25.80 14.25
N VAL A 614 -15.99 -25.36 13.46
CA VAL A 614 -14.99 -26.27 12.92
C VAL A 614 -14.08 -26.78 14.03
N CYS A 615 -13.63 -25.88 14.91
CA CYS A 615 -12.70 -26.24 15.97
C CYS A 615 -13.42 -26.50 17.30
N LYS A 616 -14.61 -27.10 17.24
CA LYS A 616 -15.45 -27.25 18.42
C LYS A 616 -14.78 -28.08 19.50
N GLY A 617 -14.44 -29.33 19.18
CA GLY A 617 -14.01 -30.27 20.21
C GLY A 617 -15.13 -31.23 20.58
N GLN A 618 -15.07 -31.82 21.78
CA GLN A 618 -16.07 -32.79 22.19
C GLN A 618 -16.61 -32.54 23.60
N GLU A 619 -16.07 -31.54 24.31
CA GLU A 619 -16.45 -31.30 25.70
C GLU A 619 -17.14 -29.96 25.90
N ILE A 620 -17.65 -29.36 24.82
CA ILE A 620 -18.34 -28.07 24.91
C ILE A 620 -19.72 -28.23 24.31
N PRO A 621 -20.77 -27.67 24.90
CA PRO A 621 -22.10 -27.80 24.32
C PRO A 621 -22.38 -26.68 23.34
N PRO A 622 -23.16 -26.95 22.29
CA PRO A 622 -23.49 -25.89 21.33
C PRO A 622 -24.00 -24.63 22.02
N THR A 623 -23.41 -23.49 21.63
CA THR A 623 -23.84 -22.20 22.15
C THR A 623 -23.91 -21.20 21.00
N SER A 624 -24.99 -20.43 20.98
CA SER A 624 -25.14 -19.34 20.02
C SER A 624 -24.70 -17.99 20.59
N ASP A 625 -24.30 -17.96 21.86
CA ASP A 625 -23.83 -16.72 22.48
C ASP A 625 -22.44 -16.39 21.96
N LYS A 626 -22.26 -15.14 21.54
CA LYS A 626 -20.96 -14.74 20.97
C LYS A 626 -19.91 -14.58 22.05
N SER A 627 -20.31 -14.18 23.26
CA SER A 627 -19.35 -14.01 24.33
C SER A 627 -18.70 -15.35 24.70
N ALA A 628 -19.50 -16.42 24.80
CA ALA A 628 -18.94 -17.73 25.08
C ALA A 628 -18.04 -18.20 23.95
N GLN A 629 -18.42 -17.90 22.71
CA GLN A 629 -17.58 -18.26 21.57
C GLN A 629 -16.22 -17.57 21.65
N ILE A 630 -16.21 -16.28 21.97
CA ILE A 630 -14.95 -15.55 22.08
C ILE A 630 -14.14 -16.09 23.24
N ASP A 631 -14.80 -16.42 24.36
CA ASP A 631 -14.09 -16.96 25.50
C ASP A 631 -13.41 -18.28 25.17
N VAL A 632 -14.12 -19.20 24.52
CA VAL A 632 -13.53 -20.50 24.23
C VAL A 632 -12.42 -20.38 23.19
N LEU A 633 -12.61 -19.49 22.20
CA LEU A 633 -11.55 -19.27 21.22
C LEU A 633 -10.30 -18.71 21.89
N ALA A 634 -10.47 -17.75 22.81
CA ALA A 634 -9.32 -17.21 23.53
C ALA A 634 -8.63 -18.29 24.35
N ARG A 635 -9.42 -19.15 24.99
CA ARG A 635 -8.83 -20.23 25.79
C ARG A 635 -8.02 -21.19 24.92
N ILE A 636 -8.54 -21.58 23.75
CA ILE A 636 -7.85 -22.56 22.93
C ILE A 636 -6.67 -21.92 22.20
N ILE A 637 -6.71 -20.60 21.98
CA ILE A 637 -5.60 -19.96 21.30
C ILE A 637 -4.51 -19.57 22.29
N SER A 638 -4.84 -19.49 23.58
CA SER A 638 -3.85 -19.13 24.58
C SER A 638 -2.78 -20.21 24.72
N SER A 639 -3.18 -21.47 24.66
CA SER A 639 -2.28 -22.60 24.88
C SER A 639 -2.19 -23.43 23.60
N VAL A 640 -1.20 -23.14 22.77
CA VAL A 640 -0.93 -23.89 21.55
C VAL A 640 0.55 -24.22 21.49
N ASP A 641 0.87 -25.43 21.08
CA ASP A 641 2.24 -25.91 21.02
C ASP A 641 2.46 -26.69 19.73
N TYR A 642 3.73 -26.93 19.40
CA TYR A 642 4.06 -27.71 18.22
C TYR A 642 3.74 -29.18 18.40
N LYS A 643 3.74 -29.66 19.65
CA LYS A 643 3.57 -31.09 19.91
C LYS A 643 2.19 -31.60 19.52
N ILE A 644 1.18 -30.74 19.55
CA ILE A 644 -0.15 -31.15 19.12
C ILE A 644 -0.15 -31.49 17.64
N PHE A 645 0.63 -30.78 16.84
CA PHE A 645 0.67 -30.97 15.40
C PHE A 645 1.50 -32.18 14.97
N GLU A 646 1.88 -33.05 15.89
CA GLU A 646 2.75 -34.17 15.58
C GLU A 646 1.97 -35.39 15.06
N ASP A 647 0.64 -35.31 15.01
CA ASP A 647 -0.17 -36.45 14.61
C ASP A 647 -1.03 -36.14 13.37
N VAL A 648 -0.47 -35.41 12.41
CA VAL A 648 -1.23 -35.10 11.19
C VAL A 648 -1.48 -36.39 10.42
N PRO A 649 -2.71 -36.69 10.03
CA PRO A 649 -2.98 -37.92 9.27
C PRO A 649 -2.14 -38.04 8.00
N GLN A 650 -1.37 -39.11 7.90
CA GLN A 650 -0.56 -39.34 6.70
C GLN A 650 -1.46 -39.70 5.53
N SER A 651 -1.23 -39.05 4.39
CA SER A 651 -2.00 -39.28 3.16
C SER A 651 -3.49 -39.13 3.40
N ASN A 662 -13.18 -43.13 6.89
CA ASN A 662 -12.65 -42.52 8.10
C ASN A 662 -12.82 -41.00 8.08
N PHE A 663 -13.99 -40.54 8.51
CA PHE A 663 -14.25 -39.11 8.58
C PHE A 663 -13.47 -38.44 9.70
N SER A 664 -12.98 -39.21 10.68
CA SER A 664 -12.21 -38.64 11.77
C SER A 664 -10.95 -37.97 11.26
N ASP A 665 -10.28 -38.58 10.27
CA ASP A 665 -9.07 -37.99 9.72
C ASP A 665 -9.37 -36.64 9.08
N ALA A 666 -10.44 -36.56 8.29
CA ALA A 666 -10.79 -35.31 7.63
C ALA A 666 -11.17 -34.24 8.65
N LEU A 667 -11.96 -34.61 9.66
CA LEU A 667 -12.33 -33.65 10.70
C LEU A 667 -11.10 -33.14 11.45
N LYS A 668 -10.18 -34.05 11.78
CA LYS A 668 -8.96 -33.65 12.48
C LYS A 668 -8.12 -32.71 11.61
N LYS A 669 -8.00 -33.02 10.32
CA LYS A 669 -7.24 -32.17 9.42
C LYS A 669 -7.85 -30.78 9.33
N GLN A 670 -9.17 -30.70 9.21
CA GLN A 670 -9.84 -29.41 9.12
C GLN A 670 -9.66 -28.61 10.42
N ARG A 671 -9.77 -29.29 11.56
CA ARG A 671 -9.59 -28.61 12.84
C ARG A 671 -8.18 -28.07 12.98
N TYR A 672 -7.18 -28.85 12.55
CA TYR A 672 -5.81 -28.39 12.62
C TYR A 672 -5.59 -27.19 11.70
N GLN A 673 -6.16 -27.23 10.49
CA GLN A 673 -6.05 -26.09 9.59
C GLN A 673 -6.65 -24.84 10.21
N ALA A 674 -7.82 -24.97 10.83
CA ALA A 674 -8.47 -23.82 11.44
C ALA A 674 -7.64 -23.26 12.59
N ILE A 675 -7.10 -24.14 13.44
CA ILE A 675 -6.39 -23.65 14.62
C ILE A 675 -5.08 -22.98 14.21
N VAL A 676 -4.44 -23.46 13.15
CA VAL A 676 -3.20 -22.79 12.74
C VAL A 676 -3.52 -21.50 12.01
N SER A 677 -4.68 -21.42 11.33
CA SER A 677 -5.03 -20.19 10.64
C SER A 677 -5.38 -19.08 11.63
N LEU A 678 -6.15 -19.41 12.67
CA LEU A 678 -6.59 -18.39 13.62
C LEU A 678 -5.43 -17.73 14.33
N TYR A 679 -4.42 -18.52 14.71
CA TYR A 679 -3.26 -17.99 15.43
C TYR A 679 -2.57 -16.90 14.62
N LEU A 680 -2.24 -17.22 13.38
CA LEU A 680 -1.56 -16.26 12.51
C LEU A 680 -2.45 -15.07 12.21
N THR A 681 -3.76 -15.28 12.07
CA THR A 681 -4.66 -14.15 11.84
C THR A 681 -4.63 -13.18 13.02
N VAL A 682 -4.65 -13.73 14.24
CA VAL A 682 -4.64 -12.87 15.43
C VAL A 682 -3.35 -12.08 15.51
N MET A 683 -2.21 -12.72 15.24
CA MET A 683 -0.95 -11.98 15.28
C MET A 683 -0.87 -10.93 14.17
N TYR A 684 -1.30 -11.30 12.96
CA TYR A 684 -1.14 -10.44 11.80
C TYR A 684 -2.01 -9.19 11.92
N LEU A 685 -3.21 -9.33 12.48
CA LEU A 685 -4.07 -8.16 12.64
C LEU A 685 -3.41 -7.12 13.53
N ILE A 686 -2.86 -7.56 14.67
CA ILE A 686 -2.20 -6.64 15.59
C ILE A 686 -1.03 -5.95 14.92
N THR A 687 -0.19 -6.75 14.24
CA THR A 687 1.00 -6.17 13.61
C THR A 687 0.61 -5.14 12.56
N LYS A 688 -0.36 -5.50 11.70
CA LYS A 688 -0.78 -4.60 10.63
C LYS A 688 -1.37 -3.31 11.17
N ASN A 689 -2.22 -3.42 12.20
CA ASN A 689 -2.89 -2.22 12.70
C ASN A 689 -1.91 -1.29 13.41
N LEU A 690 -0.94 -1.87 14.14
CA LEU A 690 0.08 -1.03 14.75
C LEU A 690 0.90 -0.29 13.68
N VAL A 691 1.29 -1.02 12.62
CA VAL A 691 2.01 -0.38 11.53
C VAL A 691 1.16 0.73 10.90
N TYR A 692 -0.14 0.49 10.76
CA TYR A 692 -1.03 1.45 10.13
C TYR A 692 -1.14 2.74 10.95
N VAL A 693 -1.30 2.62 12.26
CA VAL A 693 -1.34 3.79 13.12
C VAL A 693 -0.03 4.55 13.07
N ASN A 694 1.09 3.82 13.11
CA ASN A 694 2.39 4.49 13.07
C ASN A 694 2.59 5.20 11.73
N SER A 695 2.06 4.63 10.65
CA SER A 695 2.14 5.30 9.35
C SER A 695 1.34 6.58 9.34
N ARG A 696 0.15 6.56 9.97
CA ARG A 696 -0.61 7.80 10.10
C ARG A 696 0.16 8.87 10.85
N TYR A 697 0.89 8.49 11.90
CA TYR A 697 1.70 9.51 12.58
C TYR A 697 2.91 9.94 11.74
N VAL A 698 3.47 9.02 10.93
CA VAL A 698 4.59 9.36 10.07
C VAL A 698 4.16 10.38 9.02
N ILE A 699 2.93 10.25 8.52
CA ILE A 699 2.38 11.26 7.62
C ILE A 699 2.40 12.62 8.30
N ALA A 700 2.00 12.66 9.58
CA ALA A 700 1.92 13.92 10.30
C ALA A 700 3.30 14.57 10.44
N PHE A 701 4.30 13.81 10.87
CA PHE A 701 5.65 14.39 10.97
C PHE A 701 6.22 14.77 9.61
N HIS A 702 5.94 13.99 8.56
CA HIS A 702 6.40 14.38 7.23
C HIS A 702 5.80 15.71 6.82
N CYS A 703 4.49 15.88 7.03
CA CYS A 703 3.84 17.15 6.71
C CYS A 703 4.40 18.28 7.54
N LEU A 704 4.69 18.03 8.82
CA LEU A 704 5.23 19.07 9.68
C LEU A 704 6.60 19.53 9.19
N GLU A 705 7.48 18.58 8.88
CA GLU A 705 8.80 18.94 8.38
C GLU A 705 8.69 19.68 7.05
N ARG A 706 7.77 19.24 6.19
CA ARG A 706 7.55 19.93 4.92
C ARG A 706 7.09 21.37 5.13
N ASP A 707 6.12 21.56 6.02
CA ASP A 707 5.57 22.90 6.25
C ASP A 707 6.54 23.81 6.98
N ALA A 708 7.50 23.24 7.71
CA ALA A 708 8.49 24.07 8.38
C ALA A 708 9.37 24.82 7.38
N PHE A 709 9.66 24.20 6.22
CA PHE A 709 10.50 24.87 5.23
C PHE A 709 9.74 25.96 4.50
N LEU A 710 8.47 25.72 4.20
CA LEU A 710 7.66 26.73 3.51
C LEU A 710 7.51 27.99 4.36
N HIS A 711 7.30 27.83 5.66
CA HIS A 711 7.10 28.98 6.53
C HIS A 711 8.40 29.63 6.96
N GLY A 712 9.55 29.02 6.66
CA GLY A 712 10.83 29.64 6.94
C GLY A 712 11.24 29.63 8.41
N VAL A 713 10.48 28.98 9.28
CA VAL A 713 10.79 28.92 10.70
C VAL A 713 11.69 27.72 10.92
N THR A 714 12.98 27.98 11.12
CA THR A 714 13.95 26.93 11.36
C THR A 714 13.74 26.33 12.74
N LEU A 715 14.16 25.07 12.90
CA LEU A 715 14.06 24.39 14.18
C LEU A 715 15.46 24.28 14.78
N PRO A 716 15.81 25.10 15.77
CA PRO A 716 17.15 25.00 16.38
C PRO A 716 17.21 23.86 17.38
N LYS A 717 18.40 23.66 17.97
CA LYS A 717 18.63 22.56 18.88
C LYS A 717 18.97 23.09 20.26
N MET A 718 18.52 22.36 21.28
CA MET A 718 18.84 22.70 22.66
C MET A 718 19.07 21.41 23.43
N ASN A 719 20.23 21.30 24.07
CA ASN A 719 20.62 20.09 24.81
C ASN A 719 20.56 18.86 23.91
N LYS A 720 21.08 19.00 22.68
CA LYS A 720 21.18 17.92 21.72
C LYS A 720 19.81 17.28 21.44
N LYS A 721 18.80 18.12 21.30
CA LYS A 721 17.45 17.69 20.97
C LYS A 721 16.89 18.63 19.90
N ILE A 722 15.69 18.32 19.43
CA ILE A 722 15.00 19.14 18.45
C ILE A 722 13.67 19.59 19.04
N VAL A 723 13.41 20.89 19.00
CA VAL A 723 12.20 21.47 19.58
C VAL A 723 11.10 21.40 18.51
N TYR A 724 10.28 20.36 18.57
CA TYR A 724 9.21 20.18 17.59
C TYR A 724 8.00 21.07 17.87
N SER A 725 7.92 21.69 19.04
CA SER A 725 6.76 22.46 19.43
C SER A 725 6.89 23.94 19.10
N GLN A 726 7.89 24.33 18.30
CA GLN A 726 8.11 25.74 18.04
C GLN A 726 7.20 26.26 16.93
N LEU A 727 6.73 25.40 16.04
CA LEU A 727 5.89 25.87 14.94
C LEU A 727 4.57 26.43 15.46
N THR A 728 3.92 25.73 16.40
CA THR A 728 2.67 26.22 16.95
C THR A 728 2.87 27.47 17.78
N THR A 729 3.98 27.54 18.53
CA THR A 729 4.28 28.76 19.28
C THR A 729 4.47 29.94 18.34
N HIS A 730 5.18 29.73 17.24
CA HIS A 730 5.38 30.80 16.27
C HIS A 730 4.08 31.24 15.64
N LEU A 731 3.22 30.29 15.27
CA LEU A 731 1.95 30.65 14.64
C LEU A 731 0.94 31.20 15.62
N LEU A 732 1.16 31.03 16.93
CA LEU A 732 0.28 31.63 17.91
C LEU A 732 0.38 33.15 17.95
N THR A 733 1.49 33.72 17.49
CA THR A 733 1.74 35.16 17.59
C THR A 733 1.97 35.79 16.21
N ASP A 734 1.23 35.34 15.21
CA ASP A 734 1.28 35.92 13.87
C ASP A 734 -0.05 36.57 13.55
N LYS A 735 -0.02 37.87 13.20
CA LYS A 735 -1.26 38.60 12.95
C LYS A 735 -2.01 38.04 11.75
N ASN A 736 -1.30 37.75 10.66
CA ASN A 736 -1.96 37.22 9.47
C ASN A 736 -2.58 35.86 9.74
N TYR A 737 -1.88 35.00 10.46
CA TYR A 737 -2.43 33.69 10.80
C TYR A 737 -3.55 33.82 11.83
N THR A 738 -3.43 34.78 12.76
CA THR A 738 -4.47 34.98 13.75
C THR A 738 -5.76 35.48 13.13
N THR A 739 -5.67 36.33 12.11
CA THR A 739 -6.86 36.93 11.51
C THR A 739 -7.46 36.08 10.39
N TYR A 740 -6.65 35.34 9.65
CA TYR A 740 -7.12 34.58 8.49
C TYR A 740 -6.56 33.17 8.49
N GLY A 741 -6.61 32.51 9.65
CA GLY A 741 -6.06 31.17 9.76
C GLY A 741 -6.88 30.24 10.64
N HIS A 742 -6.36 29.03 10.89
CA HIS A 742 -7.04 28.08 11.75
C HIS A 742 -7.17 28.61 13.16
N LEU A 743 -6.10 29.20 13.69
CA LEU A 743 -6.12 29.80 15.02
C LEU A 743 -6.60 31.23 14.89
N LYS A 744 -7.86 31.48 15.26
CA LYS A 744 -8.48 32.79 15.13
C LYS A 744 -8.79 33.36 16.51
N ASN A 745 -8.53 34.66 16.67
CA ASN A 745 -8.86 35.39 17.88
C ASN A 745 -9.94 36.41 17.53
N GLN A 746 -11.19 35.96 17.55
CA GLN A 746 -12.32 36.80 17.24
C GLN A 746 -13.48 36.44 18.16
N LYS A 747 -14.42 37.37 18.29
CA LYS A 747 -15.58 37.18 19.15
C LYS A 747 -16.49 36.13 18.52
N GLY A 748 -16.48 34.93 19.07
CA GLY A 748 -17.32 33.84 18.59
C GLY A 748 -16.58 32.70 17.93
N HIS A 749 -15.27 32.82 17.76
CA HIS A 749 -14.48 31.79 17.08
C HIS A 749 -13.19 31.53 17.87
N ARG A 750 -13.29 31.37 19.19
CA ARG A 750 -12.11 31.31 20.05
C ARG A 750 -12.05 30.02 20.88
N LYS A 751 -12.31 28.87 20.28
CA LYS A 751 -12.10 27.60 20.99
C LYS A 751 -10.63 27.20 20.93
N TRP A 752 -10.14 26.96 19.71
CA TRP A 752 -8.90 26.22 19.54
C TRP A 752 -7.69 27.05 19.90
N TYR A 753 -7.76 28.37 19.73
CA TYR A 753 -6.67 29.24 20.18
C TYR A 753 -6.43 29.07 21.67
N VAL A 754 -7.50 29.17 22.47
CA VAL A 754 -7.38 29.01 23.91
C VAL A 754 -6.95 27.60 24.27
N LEU A 755 -7.55 26.59 23.63
CA LEU A 755 -7.20 25.21 23.99
C LEU A 755 -5.74 24.90 23.66
N VAL A 756 -5.26 25.33 22.50
CA VAL A 756 -3.87 25.07 22.12
C VAL A 756 -2.92 25.84 23.03
N LYS A 757 -3.26 27.09 23.37
CA LYS A 757 -2.41 27.84 24.30
C LYS A 757 -2.33 27.17 25.65
N ASN A 758 -3.46 26.64 26.15
CA ASN A 758 -3.45 25.96 27.44
C ASN A 758 -2.64 24.67 27.38
N ASN A 759 -2.79 23.91 26.30
CA ASN A 759 -2.09 22.62 26.19
C ASN A 759 -0.60 22.79 25.91
N LEU A 760 -0.18 23.90 25.32
CA LEU A 760 1.23 24.09 25.02
C LEU A 760 2.08 24.17 26.29
N GLN A 761 1.51 24.66 27.39
CA GLN A 761 2.23 24.84 28.64
C GLN A 761 2.43 23.53 29.39
N ASN A 762 2.05 22.39 28.81
CA ASN A 762 2.13 21.10 29.48
C ASN A 762 2.90 20.08 28.64
N SER A 763 3.89 20.54 27.87
CA SER A 763 4.63 19.69 26.96
C SER A 763 6.07 19.53 27.45
N ASP A 764 6.60 18.32 27.31
CA ASP A 764 7.98 18.01 27.64
C ASP A 764 8.77 17.86 26.36
N ILE A 765 9.86 18.64 26.23
CA ILE A 765 10.67 18.59 25.02
C ILE A 765 11.30 17.21 24.86
N THR A 766 11.80 16.64 25.96
CA THR A 766 12.39 15.31 25.92
C THR A 766 11.37 14.27 25.49
N ALA A 767 10.16 14.35 26.02
CA ALA A 767 9.12 13.40 25.64
C ALA A 767 8.76 13.52 24.17
N VAL A 768 8.68 14.75 23.65
CA VAL A 768 8.37 14.95 22.25
C VAL A 768 9.46 14.38 21.36
N SER A 769 10.73 14.62 21.71
CA SER A 769 11.83 14.07 20.94
C SER A 769 11.82 12.55 20.97
N SER A 770 11.54 11.97 22.13
CA SER A 770 11.47 10.52 22.25
C SER A 770 10.34 9.95 21.40
N PHE A 771 9.19 10.63 21.38
CA PHE A 771 8.08 10.17 20.55
C PHE A 771 8.43 10.24 19.08
N ALA A 772 9.11 11.31 18.67
CA ALA A 772 9.53 11.44 17.27
C ALA A 772 10.45 10.30 16.89
N ASN A 773 11.41 9.98 17.75
CA ASN A 773 12.32 8.86 17.46
C ASN A 773 11.55 7.54 17.41
N ILE A 774 10.59 7.36 18.32
CA ILE A 774 9.83 6.12 18.38
C ILE A 774 9.06 5.89 17.09
N VAL A 775 8.38 6.93 16.60
CA VAL A 775 7.61 6.76 15.37
C VAL A 775 8.53 6.65 14.16
N ALA A 776 9.67 7.33 14.18
CA ALA A 776 10.60 7.24 13.07
C ALA A 776 11.17 5.85 12.93
N ALA A 777 11.51 5.20 14.04
CA ALA A 777 12.13 3.88 14.02
C ALA A 777 11.11 2.75 14.05
N ILE A 778 9.82 3.05 14.15
CA ILE A 778 8.77 2.05 14.32
C ILE A 778 9.16 1.09 15.43
N SER A 779 9.26 1.61 16.65
CA SER A 779 9.63 0.80 17.81
C SER A 779 8.44 0.15 18.48
N VAL A 780 7.22 0.50 18.08
CA VAL A 780 6.03 -0.10 18.68
C VAL A 780 5.90 -1.56 18.27
N VAL A 781 6.20 -1.86 17.00
CA VAL A 781 6.14 -3.24 16.54
C VAL A 781 7.28 -4.06 17.15
N ARG A 782 8.46 -3.47 17.25
CA ARG A 782 9.62 -4.22 17.75
C ARG A 782 9.45 -4.58 19.22
N ASN A 783 9.39 -3.57 20.09
CA ASN A 783 9.35 -3.79 21.53
C ASN A 783 7.91 -3.83 22.02
N SER A 784 7.15 -4.75 21.42
CA SER A 784 5.79 -5.02 21.87
C SER A 784 5.72 -6.27 22.74
N ASN A 785 6.80 -7.00 22.88
CA ASN A 785 6.84 -8.22 23.68
C ASN A 785 7.23 -7.96 25.14
N GLU A 786 7.68 -6.74 25.46
CA GLU A 786 8.08 -6.41 26.82
C GLU A 786 7.01 -5.66 27.60
N TYR A 787 5.97 -5.17 26.93
CA TYR A 787 4.97 -4.32 27.58
C TYR A 787 3.53 -4.69 27.27
N ILE A 788 3.27 -5.82 26.62
CA ILE A 788 1.91 -6.18 26.26
C ILE A 788 1.32 -7.10 27.32
N SER A 789 2.10 -7.41 28.35
CA SER A 789 1.69 -8.33 29.39
C SER A 789 1.01 -7.63 30.57
N GLY A 790 0.80 -6.33 30.49
CA GLY A 790 0.22 -5.60 31.60
C GLY A 790 -0.84 -4.59 31.23
N ILE A 791 -1.63 -4.88 30.21
CA ILE A 791 -2.67 -3.96 29.75
C ILE A 791 -3.99 -4.37 30.38
N GLY A 792 -4.77 -3.36 30.79
CA GLY A 792 -6.00 -3.61 31.52
C GLY A 792 -7.19 -4.03 30.67
N GLU A 793 -7.65 -3.13 29.80
CA GLU A 793 -8.80 -3.43 28.96
C GLU A 793 -8.65 -2.67 27.64
N LEU A 794 -9.08 -3.30 26.55
CA LEU A 794 -8.92 -2.76 25.21
C LEU A 794 -10.27 -2.46 24.59
N HIS A 795 -10.35 -1.31 23.92
CA HIS A 795 -11.53 -0.94 23.15
C HIS A 795 -11.22 -0.40 21.77
N SER A 796 -9.98 0.00 21.48
CA SER A 796 -9.58 0.43 20.15
C SER A 796 -8.07 0.25 20.03
N TYR A 797 -7.60 0.13 18.79
CA TYR A 797 -6.17 0.01 18.56
C TYR A 797 -5.43 1.28 18.96
N PHE A 798 -6.12 2.42 18.96
CA PHE A 798 -5.50 3.68 19.34
C PHE A 798 -4.99 3.63 20.77
N GLU A 799 -5.80 3.11 21.69
CA GLU A 799 -5.41 3.09 23.09
C GLU A 799 -4.33 2.05 23.33
N LEU A 800 -4.34 0.95 22.58
CA LEU A 800 -3.24 0.00 22.67
C LEU A 800 -1.93 0.64 22.23
N TYR A 801 -1.95 1.36 21.11
CA TYR A 801 -0.75 2.01 20.60
C TYR A 801 -0.22 3.02 21.61
N HIS A 802 -1.11 3.82 22.19
CA HIS A 802 -0.65 4.85 23.11
C HIS A 802 -0.26 4.27 24.46
N TYR A 803 -0.89 3.18 24.90
CA TYR A 803 -0.42 2.50 26.10
C TYR A 803 0.98 1.97 25.90
N LEU A 804 1.26 1.37 24.73
CA LEU A 804 2.60 0.87 24.48
C LEU A 804 3.63 2.00 24.48
N VAL A 805 3.32 3.12 23.81
CA VAL A 805 4.30 4.19 23.73
C VAL A 805 4.52 4.83 25.10
N GLN A 806 3.44 4.99 25.88
CA GLN A 806 3.59 5.57 27.21
C GLN A 806 4.36 4.64 28.13
N SER A 807 4.12 3.33 28.04
CA SER A 807 4.89 2.39 28.84
C SER A 807 6.36 2.45 28.49
N MET A 808 6.69 2.52 27.20
CA MET A 808 8.08 2.61 26.80
C MET A 808 8.73 3.89 27.33
N ILE A 809 8.04 5.02 27.20
CA ILE A 809 8.60 6.29 27.67
C ILE A 809 8.81 6.26 29.18
N ALA A 810 7.83 5.72 29.91
CA ALA A 810 7.95 5.66 31.37
C ALA A 810 9.11 4.78 31.79
N LYS A 811 9.26 3.62 31.15
CA LYS A 811 10.32 2.69 31.55
C LYS A 811 11.70 3.22 31.18
N ASN A 812 11.80 3.95 30.07
CA ASN A 812 13.09 4.49 29.66
C ASN A 812 13.42 5.81 30.35
N ASN A 813 12.53 6.33 31.19
CA ASN A 813 12.76 7.58 31.91
C ASN A 813 13.02 8.74 30.95
N TRP A 814 12.25 8.77 29.87
CA TRP A 814 12.38 9.83 28.86
C TRP A 814 11.43 10.98 29.18
N TYR A 815 11.67 11.61 30.31
CA TYR A 815 10.88 12.76 30.75
C TYR A 815 11.74 13.61 31.67
N ASP A 816 11.24 14.80 31.99
CA ASP A 816 11.95 15.72 32.88
C ASP A 816 10.92 16.44 33.73
N THR A 817 10.78 16.01 34.98
CA THR A 817 9.84 16.65 35.90
C THR A 817 10.33 18.01 36.38
N SER A 818 11.64 18.28 36.29
CA SER A 818 12.16 19.57 36.73
C SER A 818 11.61 20.71 35.87
N HIS A 819 11.58 20.51 34.55
CA HIS A 819 11.09 21.55 33.65
C HIS A 819 9.58 21.50 33.46
N GLN A 820 8.92 20.42 33.84
CA GLN A 820 7.48 20.32 33.69
C GLN A 820 6.96 19.32 34.71
N PRO A 821 6.43 19.80 35.84
CA PRO A 821 6.14 18.89 36.96
C PRO A 821 4.82 18.16 36.87
N LYS A 822 4.07 18.35 35.79
CA LYS A 822 2.78 17.70 35.64
C LYS A 822 2.85 16.35 34.92
N THR A 823 4.04 15.93 34.50
CA THR A 823 4.17 14.60 33.91
C THR A 823 4.07 13.51 34.95
N ALA A 824 4.43 13.83 36.20
CA ALA A 824 4.38 12.85 37.27
C ALA A 824 2.95 12.35 37.50
N GLU A 825 1.97 13.26 37.44
CA GLU A 825 0.59 12.85 37.62
C GLU A 825 0.12 11.99 36.45
N TYR A 826 0.58 12.28 35.24
CA TYR A 826 0.24 11.44 34.10
C TYR A 826 0.80 10.03 34.27
N LEU A 827 2.05 9.92 34.69
CA LEU A 827 2.65 8.60 34.89
C LEU A 827 1.95 7.86 36.02
N ASN A 828 1.59 8.57 37.09
CA ASN A 828 0.88 7.93 38.20
C ASN A 828 -0.48 7.43 37.77
N ASN A 829 -1.20 8.22 36.97
CA ASN A 829 -2.49 7.78 36.46
C ASN A 829 -2.33 6.55 35.58
N LEU A 830 -1.31 6.56 34.71
CA LEU A 830 -1.06 5.40 33.86
C LEU A 830 -0.76 4.16 34.69
N LYS A 831 0.04 4.31 35.74
CA LYS A 831 0.39 3.16 36.58
C LYS A 831 -0.83 2.64 37.33
N LYS A 832 -1.67 3.54 37.87
CA LYS A 832 -2.79 3.11 38.69
C LYS A 832 -3.99 2.67 37.86
N HIS A 833 -4.03 2.97 36.57
CA HIS A 833 -5.15 2.58 35.73
C HIS A 833 -4.78 1.55 34.67
N HIS A 834 -3.49 1.36 34.40
CA HIS A 834 -3.02 0.39 33.39
C HIS A 834 -3.62 0.67 32.02
N THR A 835 -3.83 1.96 31.73
CA THR A 835 -4.43 2.38 30.48
C THR A 835 -3.89 3.75 30.14
N TYR A 836 -3.89 4.09 28.85
CA TYR A 836 -3.32 5.35 28.41
C TYR A 836 -4.11 6.52 28.97
N CYS A 837 -3.41 7.63 29.19
CA CYS A 837 -4.00 8.86 29.69
C CYS A 837 -4.21 9.82 28.52
N LYS A 838 -5.44 10.31 28.37
CA LYS A 838 -5.75 11.19 27.25
C LYS A 838 -4.99 12.51 27.36
N ASP A 839 -4.70 12.96 28.58
CA ASP A 839 -3.96 14.20 28.73
C ASP A 839 -2.55 14.06 28.18
N PHE A 840 -1.92 12.89 28.36
CA PHE A 840 -0.55 12.72 27.89
C PHE A 840 -0.49 12.70 26.35
N VAL A 841 -1.44 12.03 25.70
CA VAL A 841 -1.46 12.04 24.24
C VAL A 841 -1.79 13.45 23.73
N LYS A 842 -2.65 14.19 24.44
CA LYS A 842 -2.81 15.60 24.09
C LYS A 842 -1.53 16.39 24.32
N ALA A 843 -0.66 15.93 25.22
CA ALA A 843 0.56 16.66 25.55
C ALA A 843 1.63 16.47 24.48
N TYR A 844 1.99 15.23 24.17
CA TYR A 844 3.11 15.04 23.25
C TYR A 844 2.72 15.11 21.78
N CYS A 845 1.52 15.57 21.46
CA CYS A 845 1.11 15.81 20.08
C CYS A 845 0.89 17.30 19.79
N ILE A 846 1.41 18.17 20.64
CA ILE A 846 1.21 19.62 20.50
C ILE A 846 1.89 20.22 19.26
N PRO A 847 2.96 19.63 18.68
CA PRO A 847 3.48 20.18 17.42
C PRO A 847 2.47 20.19 16.29
N PHE A 848 1.36 19.47 16.40
CA PHE A 848 0.30 19.48 15.39
C PHE A 848 -0.72 20.58 15.63
N GLY A 849 -0.34 21.64 16.35
CA GLY A 849 -1.30 22.66 16.70
C GLY A 849 -1.72 23.56 15.55
N TYR A 850 -0.96 23.56 14.45
CA TYR A 850 -1.26 24.50 13.37
C TYR A 850 -2.36 24.01 12.44
N VAL A 851 -2.77 22.75 12.54
CA VAL A 851 -3.92 22.25 11.80
C VAL A 851 -4.90 21.70 12.83
N VAL A 852 -6.02 22.41 13.03
CA VAL A 852 -7.01 21.97 14.01
C VAL A 852 -7.62 20.62 13.67
N PRO A 853 -8.08 20.36 12.43
CA PRO A 853 -8.63 19.02 12.16
C PRO A 853 -7.63 17.90 12.36
N ARG A 854 -6.37 18.12 12.02
CA ARG A 854 -5.36 17.08 12.22
C ARG A 854 -5.13 16.80 13.70
N TYR A 855 -5.06 17.86 14.52
CA TYR A 855 -4.92 17.69 15.96
C TYR A 855 -6.12 16.94 16.53
N LYS A 856 -7.32 17.30 16.08
CA LYS A 856 -8.53 16.63 16.56
C LYS A 856 -8.52 15.16 16.18
N ASN A 857 -8.11 14.84 14.97
CA ASN A 857 -8.10 13.45 14.53
C ASN A 857 -7.03 12.64 15.24
N LEU A 858 -5.86 13.23 15.49
CA LEU A 858 -4.74 12.51 16.04
C LEU A 858 -4.69 12.50 17.56
N THR A 859 -5.57 13.25 18.24
CA THR A 859 -5.56 13.27 19.70
C THR A 859 -6.87 12.80 20.33
N ILE A 860 -7.94 12.67 19.56
CA ILE A 860 -9.24 12.25 20.08
C ILE A 860 -9.56 10.87 19.51
N ASN A 861 -9.90 9.94 20.39
CA ASN A 861 -10.12 8.56 19.96
C ASN A 861 -11.38 8.45 19.09
N GLU A 862 -12.41 9.22 19.41
CA GLU A 862 -13.67 9.11 18.68
C GLU A 862 -13.53 9.58 17.24
N LEU A 863 -12.58 10.46 16.95
CA LEU A 863 -12.40 11.00 15.62
C LEU A 863 -11.19 10.44 14.89
N PHE A 864 -10.43 9.54 15.52
CA PHE A 864 -9.28 8.94 14.84
C PHE A 864 -9.73 7.99 13.74
N ASP A 865 -10.74 7.18 14.01
CA ASP A 865 -11.26 6.23 13.04
C ASP A 865 -12.57 6.73 12.47
N ARG A 866 -12.69 6.69 11.14
CA ARG A 866 -13.89 7.14 10.45
C ARG A 866 -14.97 6.06 10.39
N ASN A 867 -14.69 4.86 10.90
CA ASN A 867 -15.67 3.79 10.94
C ASN A 867 -16.40 3.71 12.27
N ASN A 868 -16.11 4.63 13.19
CA ASN A 868 -16.74 4.64 14.50
C ASN A 868 -17.73 5.80 14.56
N PRO A 869 -19.02 5.54 14.69
CA PRO A 869 -20.01 6.64 14.75
C PRO A 869 -20.19 7.26 16.12
N ASN A 870 -19.29 7.00 17.07
CA ASN A 870 -19.42 7.58 18.40
C ASN A 870 -19.21 9.09 18.35
N PRO A 871 -20.07 9.87 19.00
CA PRO A 871 -19.89 11.33 19.00
C PRO A 871 -18.73 11.76 19.88
N GLU A 872 -18.31 13.00 19.69
CA GLU A 872 -17.23 13.55 20.49
C GLU A 872 -17.67 13.66 21.95
N PRO A 873 -16.83 13.25 22.90
CA PRO A 873 -17.21 13.33 24.31
C PRO A 873 -17.49 14.77 24.74
N LYS A 874 -18.49 14.93 25.60
CA LYS A 874 -18.85 16.24 26.11
C LYS A 874 -17.86 16.68 27.18
N GLU A 875 -17.37 17.90 27.07
CA GLU A 875 -16.42 18.45 28.04
C GLU A 875 -17.14 19.25 29.12
MG MG D . -6.75 17.26 0.19
#